data_3RM9
#
_entry.id   3RM9
#
_cell.length_a   63.773
_cell.length_b   89.609
_cell.length_c   126.184
_cell.angle_alpha   90.00
_cell.angle_beta   90.00
_cell.angle_gamma   90.00
#
_symmetry.space_group_name_H-M   'P 21 21 21'
#
loop_
_entity.id
_entity.type
_entity.pdbx_description
1 polymer 'Acidic mammalian chitinase'
2 non-polymer 4-(4-chlorophenyl)piperazine-1-carboximidamide
3 water water
#
_entity_poly.entity_id   1
_entity_poly.type   'polypeptide(L)'
_entity_poly.pdbx_seq_one_letter_code
;YQLTCYFTNWAQYRPGLGRFMPDDINPCLCTHLIYAFAGMQNNEITTIEWNDVTLYQAFNGLKNKNSQLKTLLAIGGWNF
GTAPFTAMVSTPENRQTFITSVIKFLRQYEFDGLDFDWEYPGSRGSPPQDKHLFTVLVQEMREAFEQEAKQINKPRLMVT
AAVAAGISNIQSGYEIPQLSQYLDYIHVMTYDLHGSWEGYTGENSPLYKYPTDTGSNAYLNVDYVMNYWKDNGAPAEKLI
VGFPTYGHNFILSNPSNTGIGAPTSGAGPAGPYAKESGIWAYYEICTFLKNGATQGWDAPQEVPYAYQGNVWVGYDNVKS
FDIKAQWLKHNKFGGAMVWAIDLDDFTGTFCNQGKFPLISTLKKALGLQSASCTAPAQPIEPITAAPGSHHHHHH
;
_entity_poly.pdbx_strand_id   A,B
#
loop_
_chem_comp.id
_chem_comp.type
_chem_comp.name
_chem_comp.formula
613 non-polymer 4-(4-chlorophenyl)piperazine-1-carboximidamide 'C11 H15 Cl N4'
#
# COMPACT_ATOMS: atom_id res chain seq x y z
N TYR A 1 27.70 15.86 12.80
CA TYR A 1 26.33 15.70 12.23
C TYR A 1 26.05 14.25 11.86
N GLN A 2 24.79 13.86 12.00
CA GLN A 2 24.33 12.55 11.53
C GLN A 2 23.89 12.65 10.08
N LEU A 3 24.19 11.60 9.31
CA LEU A 3 23.59 11.41 7.99
C LEU A 3 22.86 10.07 8.01
N THR A 4 21.54 10.15 8.10
CA THR A 4 20.69 8.99 8.30
C THR A 4 19.96 8.70 7.00
N CYS A 5 20.12 7.49 6.48
CA CYS A 5 19.55 7.15 5.18
C CYS A 5 18.55 6.01 5.28
N TYR A 6 17.33 6.24 4.77
CA TYR A 6 16.28 5.22 4.74
C TYR A 6 16.43 4.30 3.52
N PHE A 7 16.33 3.00 3.77
CA PHE A 7 16.31 1.96 2.74
C PHE A 7 14.93 1.32 2.72
N THR A 8 14.41 1.04 1.53
CA THR A 8 13.08 0.46 1.41
C THR A 8 13.12 -0.97 0.87
N ASN A 9 12.37 -1.87 1.50
CA ASN A 9 12.38 -3.29 1.12
C ASN A 9 11.55 -3.66 -0.12
N TRP A 10 10.98 -2.65 -0.77
CA TRP A 10 10.23 -2.88 -2.01
C TRP A 10 10.98 -2.39 -3.24
N ALA A 11 12.10 -1.70 -3.01
CA ALA A 11 12.97 -1.25 -4.11
C ALA A 11 13.56 -2.43 -4.90
N GLN A 12 13.64 -3.59 -4.24
CA GLN A 12 14.11 -4.85 -4.84
C GLN A 12 13.26 -5.31 -6.03
N TYR A 13 12.01 -4.83 -6.09
CA TYR A 13 11.06 -5.25 -7.11
C TYR A 13 11.06 -4.34 -8.35
N ARG A 14 11.92 -3.33 -8.34
CA ARG A 14 12.03 -2.42 -9.48
C ARG A 14 12.79 -3.08 -10.63
N PRO A 15 12.41 -2.77 -11.88
CA PRO A 15 13.04 -3.39 -13.03
C PRO A 15 14.44 -2.85 -13.30
N GLY A 16 15.27 -3.66 -13.96
CA GLY A 16 16.57 -3.23 -14.48
C GLY A 16 17.46 -2.49 -13.51
N LEU A 17 17.91 -1.30 -13.93
CA LEU A 17 18.82 -0.47 -13.13
C LEU A 17 18.17 0.13 -11.89
N GLY A 18 16.87 -0.09 -11.74
CA GLY A 18 16.10 0.44 -10.61
C GLY A 18 16.13 -0.45 -9.38
N ARG A 19 16.43 -1.74 -9.58
CA ARG A 19 16.50 -2.71 -8.49
C ARG A 19 17.60 -2.35 -7.48
N PHE A 20 17.23 -2.25 -6.21
CA PHE A 20 18.15 -1.86 -5.15
C PHE A 20 18.05 -2.82 -3.97
N MET A 21 19.19 -3.44 -3.64
CA MET A 21 19.30 -4.38 -2.53
C MET A 21 20.17 -3.77 -1.42
N PRO A 22 20.12 -4.33 -0.20
CA PRO A 22 21.00 -3.84 0.87
C PRO A 22 22.48 -3.79 0.46
N ASP A 23 22.92 -4.76 -0.35
CA ASP A 23 24.30 -4.80 -0.82
C ASP A 23 24.66 -3.72 -1.85
N ASP A 24 23.65 -2.97 -2.31
CA ASP A 24 23.89 -1.82 -3.19
C ASP A 24 24.19 -0.56 -2.38
N ILE A 25 24.04 -0.64 -1.06
CA ILE A 25 24.37 0.45 -0.16
C ILE A 25 25.89 0.55 0.04
N ASN A 26 26.43 1.74 -0.17
CA ASN A 26 27.79 2.06 0.24
C ASN A 26 27.79 2.19 1.77
N PRO A 27 28.49 1.26 2.46
CA PRO A 27 28.49 1.24 3.93
C PRO A 27 29.18 2.46 4.57
N CYS A 28 29.94 3.19 3.75
CA CYS A 28 30.69 4.36 4.20
C CYS A 28 29.99 5.68 3.90
N LEU A 29 28.81 5.61 3.31
CA LEU A 29 28.08 6.79 2.87
C LEU A 29 27.34 7.49 4.03
N CYS A 30 26.56 6.71 4.78
CA CYS A 30 25.73 7.25 5.84
C CYS A 30 26.22 6.79 7.21
N THR A 31 25.88 7.56 8.24
CA THR A 31 26.23 7.21 9.62
C THR A 31 25.20 6.27 10.21
N HIS A 32 23.93 6.47 9.83
CA HIS A 32 22.84 5.59 10.23
C HIS A 32 22.07 5.09 9.01
N LEU A 33 21.72 3.81 9.02
CA LEU A 33 20.85 3.25 8.00
C LEU A 33 19.57 2.74 8.64
N ILE A 34 18.43 3.06 8.04
CA ILE A 34 17.14 2.64 8.58
C ILE A 34 16.36 1.80 7.57
N TYR A 35 15.91 0.64 8.04
CA TYR A 35 15.21 -0.33 7.21
C TYR A 35 13.70 -0.08 7.24
N ALA A 36 13.11 0.15 6.07
CA ALA A 36 11.68 0.38 5.95
C ALA A 36 11.03 -0.68 5.04
N PHE A 37 10.02 -1.41 5.53
CA PHE A 37 9.41 -1.21 6.84
C PHE A 37 9.20 -2.56 7.55
N ALA A 38 9.00 -2.49 8.85
CA ALA A 38 8.49 -3.62 9.62
C ALA A 38 6.98 -3.46 9.84
N GLY A 39 6.31 -4.56 10.13
CA GLY A 39 4.87 -4.54 10.39
C GLY A 39 4.53 -4.97 11.80
N MET A 40 3.27 -5.32 12.03
CA MET A 40 2.78 -5.71 13.34
C MET A 40 1.68 -6.75 13.22
N GLN A 41 1.74 -7.75 14.10
CA GLN A 41 0.70 -8.77 14.20
C GLN A 41 0.51 -9.15 15.67
N ASN A 42 -0.72 -9.01 16.15
CA ASN A 42 -1.07 -9.31 17.55
C ASN A 42 -0.19 -8.53 18.53
N ASN A 43 -0.01 -7.25 18.23
CA ASN A 43 0.75 -6.30 19.04
C ASN A 43 2.25 -6.61 19.11
N GLU A 44 2.73 -7.43 18.19
CA GLU A 44 4.15 -7.78 18.10
C GLU A 44 4.74 -7.39 16.75
N ILE A 45 5.99 -6.92 16.75
CA ILE A 45 6.68 -6.55 15.51
C ILE A 45 6.92 -7.78 14.64
N THR A 46 6.73 -7.63 13.33
CA THR A 46 6.91 -8.72 12.36
C THR A 46 7.56 -8.20 11.09
N THR A 47 7.86 -9.14 10.19
CA THR A 47 8.35 -8.81 8.86
C THR A 47 7.18 -8.42 7.95
N ILE A 48 7.48 -7.86 6.77
CA ILE A 48 6.44 -7.62 5.77
C ILE A 48 6.72 -8.38 4.46
N GLU A 49 7.95 -8.27 3.94
CA GLU A 49 8.33 -8.96 2.71
C GLU A 49 8.75 -10.40 2.98
N TRP A 50 8.47 -11.28 2.03
CA TRP A 50 8.76 -12.71 2.18
C TRP A 50 10.22 -12.97 2.57
N ASN A 51 11.13 -12.17 2.02
CA ASN A 51 12.57 -12.35 2.23
C ASN A 51 13.22 -11.32 3.17
N ASP A 52 12.41 -10.71 4.04
CA ASP A 52 12.93 -9.68 4.97
C ASP A 52 14.10 -10.16 5.83
N VAL A 53 13.99 -11.37 6.38
CA VAL A 53 15.04 -11.96 7.22
C VAL A 53 16.40 -12.06 6.51
N THR A 54 16.38 -12.51 5.25
CA THR A 54 17.58 -12.58 4.42
C THR A 54 18.16 -11.18 4.21
N LEU A 55 17.27 -10.22 3.95
CA LEU A 55 17.67 -8.83 3.73
C LEU A 55 18.19 -8.14 4.99
N TYR A 56 17.61 -8.45 6.15
CA TYR A 56 18.11 -7.96 7.44
C TYR A 56 19.58 -8.34 7.61
N GLN A 57 19.88 -9.61 7.33
CA GLN A 57 21.24 -10.15 7.46
C GLN A 57 22.24 -9.39 6.59
N ALA A 58 21.87 -9.12 5.34
CA ALA A 58 22.71 -8.37 4.41
C ALA A 58 22.76 -6.88 4.77
N PHE A 59 21.64 -6.33 5.24
CA PHE A 59 21.54 -4.92 5.66
C PHE A 59 22.43 -4.67 6.87
N ASN A 60 22.21 -5.45 7.92
CA ASN A 60 23.00 -5.33 9.14
C ASN A 60 24.45 -5.81 9.00
N GLY A 61 24.68 -6.68 8.01
CA GLY A 61 26.02 -7.14 7.67
C GLY A 61 26.92 -6.05 7.11
N LEU A 62 26.33 -4.92 6.73
CA LEU A 62 27.09 -3.77 6.24
C LEU A 62 27.97 -3.17 7.34
N LYS A 63 27.56 -3.39 8.59
CA LYS A 63 28.32 -2.93 9.76
C LYS A 63 29.66 -3.64 9.90
N ASN A 64 29.77 -4.80 9.25
CA ASN A 64 31.01 -5.55 9.16
C ASN A 64 32.05 -4.87 8.26
N LYS A 65 31.65 -3.81 7.58
CA LYS A 65 32.52 -3.06 6.69
C LYS A 65 32.73 -1.61 7.16
N ASN A 66 31.96 -1.23 8.18
CA ASN A 66 32.05 0.09 8.78
C ASN A 66 31.71 0.01 10.28
N SER A 67 32.74 0.06 11.11
CA SER A 67 32.60 -0.13 12.56
C SER A 67 31.76 0.94 13.26
N GLN A 68 31.61 2.10 12.60
CA GLN A 68 30.87 3.23 13.15
C GLN A 68 29.39 3.19 12.77
N LEU A 69 29.05 2.42 11.74
CA LEU A 69 27.69 2.34 11.19
C LEU A 69 26.68 1.79 12.20
N LYS A 70 25.55 2.48 12.33
CA LYS A 70 24.43 1.99 13.15
C LYS A 70 23.21 1.78 12.27
N THR A 71 22.42 0.77 12.61
CA THR A 71 21.23 0.43 11.83
C THR A 71 19.96 0.47 12.67
N LEU A 72 18.87 0.89 12.06
CA LEU A 72 17.57 0.89 12.73
C LEU A 72 16.51 0.23 11.87
N LEU A 73 15.47 -0.29 12.51
CA LEU A 73 14.32 -0.86 11.82
C LEU A 73 13.14 0.08 12.01
N ALA A 74 12.55 0.53 10.90
CA ALA A 74 11.39 1.40 10.96
C ALA A 74 10.10 0.59 10.90
N ILE A 75 9.22 0.85 11.86
CA ILE A 75 7.92 0.19 11.89
C ILE A 75 6.81 1.17 11.48
N GLY A 76 5.91 0.70 10.62
CA GLY A 76 4.78 1.49 10.17
C GLY A 76 4.87 1.86 8.70
N GLY A 77 4.77 3.16 8.42
CA GLY A 77 4.66 3.66 7.06
C GLY A 77 3.28 4.21 6.77
N TRP A 78 3.10 4.74 5.56
N TRP A 78 3.10 4.74 5.56
CA TRP A 78 1.84 5.38 5.15
CA TRP A 78 1.83 5.37 5.16
C TRP A 78 0.71 4.36 4.95
C TRP A 78 0.71 4.37 4.93
N ASN A 79 1.02 3.27 4.24
CA ASN A 79 0.03 2.22 3.95
C ASN A 79 -0.37 1.40 5.17
N PHE A 80 0.54 1.35 6.15
CA PHE A 80 0.31 0.65 7.41
C PHE A 80 -0.84 1.27 8.21
N GLY A 81 -1.00 2.59 8.07
CA GLY A 81 -2.05 3.33 8.74
C GLY A 81 -1.83 3.53 10.23
N THR A 82 -2.91 3.80 10.95
CA THR A 82 -2.86 4.09 12.38
C THR A 82 -3.43 2.97 13.23
N ALA A 83 -4.36 2.21 12.66
CA ALA A 83 -5.14 1.20 13.39
C ALA A 83 -4.33 0.23 14.28
N PRO A 84 -3.26 -0.41 13.74
CA PRO A 84 -2.50 -1.31 14.62
C PRO A 84 -1.75 -0.59 15.74
N PHE A 85 -1.36 0.66 15.51
CA PHE A 85 -0.71 1.46 16.55
C PHE A 85 -1.70 1.84 17.67
N THR A 86 -2.89 2.30 17.28
CA THR A 86 -3.96 2.64 18.23
C THR A 86 -4.28 1.49 19.18
N ALA A 87 -4.51 0.30 18.61
CA ALA A 87 -4.82 -0.91 19.39
C ALA A 87 -3.68 -1.35 20.30
N MET A 88 -2.44 -1.09 19.87
CA MET A 88 -1.26 -1.46 20.64
C MET A 88 -1.04 -0.55 21.86
N VAL A 89 -1.20 0.75 21.68
CA VAL A 89 -1.00 1.70 22.79
C VAL A 89 -2.19 1.79 23.74
N SER A 90 -3.36 1.31 23.31
CA SER A 90 -4.61 1.46 24.05
C SER A 90 -4.64 0.83 25.44
N THR A 91 -3.85 -0.23 25.65
CA THR A 91 -3.72 -0.83 26.98
C THR A 91 -2.24 -1.01 27.34
N PRO A 92 -1.91 -0.90 28.65
CA PRO A 92 -0.53 -1.12 29.10
C PRO A 92 -0.03 -2.55 28.82
N GLU A 93 -0.95 -3.50 28.79
CA GLU A 93 -0.64 -4.90 28.50
C GLU A 93 -0.12 -5.07 27.07
N ASN A 94 -0.81 -4.44 26.11
CA ASN A 94 -0.40 -4.47 24.70
C ASN A 94 0.92 -3.75 24.42
N ARG A 95 1.16 -2.64 25.12
CA ARG A 95 2.42 -1.90 25.01
C ARG A 95 3.61 -2.75 25.47
N GLN A 96 3.44 -3.43 26.60
CA GLN A 96 4.45 -4.36 27.11
C GLN A 96 4.71 -5.53 26.14
N THR A 97 3.62 -6.09 25.60
CA THR A 97 3.69 -7.14 24.58
C THR A 97 4.53 -6.68 23.38
N PHE A 98 4.31 -5.44 22.94
CA PHE A 98 5.03 -4.84 21.83
C PHE A 98 6.50 -4.61 22.14
N ILE A 99 6.76 -3.92 23.25
CA ILE A 99 8.13 -3.59 23.66
C ILE A 99 8.98 -4.85 23.80
N THR A 100 8.45 -5.86 24.47
CA THR A 100 9.10 -7.17 24.61
C THR A 100 9.48 -7.77 23.25
N SER A 101 8.53 -7.75 22.31
CA SER A 101 8.75 -8.30 20.98
C SER A 101 9.81 -7.51 20.21
N VAL A 102 9.80 -6.19 20.38
CA VAL A 102 10.79 -5.30 19.75
C VAL A 102 12.21 -5.62 20.23
N ILE A 103 12.40 -5.68 21.55
CA ILE A 103 13.70 -6.02 22.13
C ILE A 103 14.23 -7.34 21.56
N LYS A 104 13.40 -8.38 21.59
CA LYS A 104 13.76 -9.70 21.05
C LYS A 104 14.04 -9.67 19.54
N PHE A 105 13.21 -8.94 18.80
CA PHE A 105 13.34 -8.82 17.34
C PHE A 105 14.64 -8.13 16.90
N LEU A 106 14.91 -6.97 17.49
CA LEU A 106 16.08 -6.16 17.13
C LEU A 106 17.39 -6.85 17.48
N ARG A 107 17.43 -7.49 18.64
CA ARG A 107 18.61 -8.22 19.11
C ARG A 107 18.86 -9.48 18.29
N GLN A 108 17.79 -10.19 17.96
CA GLN A 108 17.85 -11.41 17.14
C GLN A 108 18.44 -11.11 15.76
N TYR A 109 17.96 -10.05 15.12
CA TYR A 109 18.33 -9.72 13.74
C TYR A 109 19.40 -8.64 13.63
N GLU A 110 19.92 -8.17 14.77
CA GLU A 110 21.12 -7.33 14.86
C GLU A 110 20.92 -5.87 14.42
N PHE A 111 19.75 -5.31 14.72
CA PHE A 111 19.48 -3.88 14.56
C PHE A 111 19.91 -3.13 15.82
N ASP A 112 20.34 -1.88 15.64
CA ASP A 112 20.79 -1.05 16.77
C ASP A 112 19.67 -0.19 17.38
N GLY A 113 18.48 -0.23 16.77
CA GLY A 113 17.35 0.53 17.30
C GLY A 113 16.06 0.37 16.54
N LEU A 114 15.03 1.09 17.01
CA LEU A 114 13.72 1.13 16.37
C LEU A 114 13.35 2.56 15.98
N ASP A 115 12.81 2.71 14.77
CA ASP A 115 12.33 3.98 14.27
C ASP A 115 10.81 3.91 14.11
N PHE A 116 10.09 4.71 14.91
CA PHE A 116 8.64 4.79 14.79
C PHE A 116 8.20 5.62 13.58
N ASP A 117 7.49 4.99 12.66
N ASP A 117 7.44 5.01 12.68
CA ASP A 117 6.85 5.71 11.57
CA ASP A 117 6.86 5.73 11.54
C ASP A 117 5.34 5.51 11.62
C ASP A 117 5.34 5.66 11.57
N TRP A 118 4.77 6.03 12.70
CA TRP A 118 3.32 6.09 12.90
C TRP A 118 2.82 7.37 12.24
N GLU A 119 1.94 7.20 11.24
CA GLU A 119 1.43 8.36 10.50
C GLU A 119 -0.10 8.47 10.56
N TYR A 120 -0.64 9.23 11.51
CA TYR A 120 0.09 9.86 12.61
C TYR A 120 -0.72 9.65 13.90
N PRO A 121 -0.09 9.82 15.09
CA PRO A 121 -0.91 9.92 16.30
C PRO A 121 -1.88 11.10 16.20
N GLY A 122 -3.14 10.87 16.59
CA GLY A 122 -4.15 11.93 16.60
C GLY A 122 -4.77 12.29 15.26
N SER A 123 -4.33 11.66 14.18
CA SER A 123 -4.92 11.90 12.85
C SER A 123 -4.94 10.65 11.97
N ARG A 124 -5.69 10.71 10.87
CA ARG A 124 -5.86 9.59 9.93
C ARG A 124 -6.50 8.37 10.57
N GLY A 125 -7.51 8.59 11.41
CA GLY A 125 -8.21 7.51 12.09
C GLY A 125 -7.84 7.40 13.56
N SER A 126 -6.59 7.75 13.87
CA SER A 126 -6.06 7.72 15.23
C SER A 126 -6.79 8.72 16.14
N PRO A 127 -7.40 8.22 17.23
CA PRO A 127 -8.15 9.06 18.17
C PRO A 127 -7.25 10.02 18.97
N PRO A 128 -7.85 11.10 19.53
CA PRO A 128 -7.07 12.16 20.20
C PRO A 128 -6.23 11.72 21.40
N GLN A 129 -6.58 10.59 22.04
CA GLN A 129 -5.82 10.09 23.19
C GLN A 129 -4.45 9.54 22.80
N ASP A 130 -4.26 9.29 21.50
CA ASP A 130 -3.01 8.71 20.99
C ASP A 130 -1.82 9.66 21.02
N LYS A 131 -2.09 10.97 21.03
CA LYS A 131 -1.05 11.99 21.15
C LYS A 131 -0.21 11.78 22.42
N HIS A 132 -0.90 11.62 23.54
CA HIS A 132 -0.26 11.37 24.83
C HIS A 132 0.19 9.91 24.99
N LEU A 133 -0.61 8.98 24.47
CA LEU A 133 -0.27 7.55 24.54
C LEU A 133 0.98 7.19 23.73
N PHE A 134 1.26 7.95 22.67
CA PHE A 134 2.50 7.82 21.92
C PHE A 134 3.72 8.18 22.77
N THR A 135 3.61 9.29 23.52
CA THR A 135 4.64 9.72 24.47
C THR A 135 4.88 8.66 25.52
N VAL A 136 3.79 8.12 26.07
CA VAL A 136 3.82 7.01 27.02
C VAL A 136 4.56 5.79 26.44
N LEU A 137 4.22 5.41 25.22
CA LEU A 137 4.87 4.29 24.53
C LEU A 137 6.38 4.51 24.38
N VAL A 138 6.74 5.67 23.86
CA VAL A 138 8.14 6.05 23.64
C VAL A 138 8.95 6.04 24.94
N GLN A 139 8.38 6.65 25.98
CA GLN A 139 8.98 6.67 27.32
C GLN A 139 9.21 5.25 27.84
N GLU A 140 8.16 4.43 27.80
CA GLU A 140 8.21 3.04 28.25
C GLU A 140 9.23 2.21 27.47
N MET A 141 9.32 2.44 26.17
CA MET A 141 10.28 1.77 25.30
CA MET A 141 10.28 1.74 25.33
C MET A 141 11.71 2.17 25.66
N ARG A 142 11.93 3.48 25.79
CA ARG A 142 13.24 4.02 26.15
C ARG A 142 13.72 3.42 27.47
N GLU A 143 12.86 3.42 28.47
CA GLU A 143 13.16 2.87 29.79
C GLU A 143 13.43 1.36 29.74
N ALA A 144 12.62 0.63 28.97
CA ALA A 144 12.84 -0.80 28.77
C ALA A 144 14.18 -1.06 28.08
N PHE A 145 14.51 -0.22 27.10
CA PHE A 145 15.80 -0.28 26.40
C PHE A 145 16.99 -0.05 27.34
N GLU A 146 16.84 0.91 28.26
CA GLU A 146 17.89 1.23 29.23
C GLU A 146 18.16 0.10 30.22
N GLN A 147 17.09 -0.55 30.66
CA GLN A 147 17.17 -1.69 31.59
C GLN A 147 17.76 -2.93 30.91
N GLU A 148 17.32 -3.21 29.69
CA GLU A 148 17.80 -4.35 28.91
C GLU A 148 19.31 -4.26 28.65
N ALA A 149 19.76 -3.07 28.28
CA ALA A 149 21.17 -2.82 28.00
C ALA A 149 22.08 -3.17 29.18
N LYS A 150 21.58 -2.93 30.39
CA LYS A 150 22.32 -3.22 31.62
C LYS A 150 22.29 -4.69 32.00
N GLN A 151 21.17 -5.37 31.72
CA GLN A 151 21.05 -6.78 32.06
C GLN A 151 21.90 -7.68 31.17
N ILE A 152 22.08 -7.30 29.91
CA ILE A 152 22.86 -8.11 28.96
C ILE A 152 24.27 -7.55 28.68
N ASN A 153 24.58 -6.39 29.28
CA ASN A 153 25.87 -5.73 29.11
C ASN A 153 26.23 -5.47 27.65
N LYS A 154 25.33 -4.80 26.93
CA LYS A 154 25.54 -4.38 25.55
C LYS A 154 25.06 -2.94 25.36
N PRO A 155 25.55 -2.24 24.30
CA PRO A 155 25.08 -0.88 24.04
C PRO A 155 23.56 -0.80 23.96
N ARG A 156 23.00 0.29 24.48
CA ARG A 156 21.55 0.49 24.49
C ARG A 156 20.98 0.64 23.09
N LEU A 157 19.85 -0.02 22.85
CA LEU A 157 19.09 0.18 21.61
C LEU A 157 18.55 1.60 21.56
N MET A 158 18.58 2.19 20.38
CA MET A 158 18.07 3.54 20.17
C MET A 158 16.58 3.50 19.89
N VAL A 159 15.87 4.55 20.28
CA VAL A 159 14.47 4.74 19.93
C VAL A 159 14.32 6.11 19.24
N THR A 160 13.85 6.09 18.00
CA THR A 160 13.72 7.30 17.19
C THR A 160 12.33 7.34 16.57
N ALA A 161 11.96 8.48 15.99
CA ALA A 161 10.66 8.61 15.36
C ALA A 161 10.70 9.50 14.12
N ALA A 162 10.03 9.04 13.06
CA ALA A 162 9.71 9.89 11.92
C ALA A 162 8.43 10.65 12.25
N VAL A 163 8.49 11.98 12.14
CA VAL A 163 7.41 12.83 12.61
C VAL A 163 6.90 13.78 11.53
N ALA A 164 5.65 14.22 11.71
CA ALA A 164 4.97 15.07 10.74
C ALA A 164 5.60 16.46 10.56
N ALA A 165 5.38 17.03 9.38
CA ALA A 165 5.83 18.37 9.04
C ALA A 165 4.65 19.34 8.98
N GLY A 166 3.45 18.81 8.78
CA GLY A 166 2.23 19.62 8.76
C GLY A 166 1.87 20.07 10.16
N ILE A 167 1.61 21.37 10.33
CA ILE A 167 1.39 21.96 11.66
C ILE A 167 0.17 21.35 12.38
N SER A 168 -0.94 21.18 11.65
CA SER A 168 -2.12 20.51 12.19
C SER A 168 -1.83 19.09 12.66
N ASN A 169 -1.07 18.35 11.86
CA ASN A 169 -0.63 17.00 12.21
C ASN A 169 0.27 16.98 13.44
N ILE A 170 1.17 17.97 13.53
CA ILE A 170 2.06 18.12 14.68
C ILE A 170 1.28 18.44 15.95
N GLN A 171 0.37 19.43 15.85
CA GLN A 171 -0.40 19.93 16.99
C GLN A 171 -1.30 18.90 17.66
N SER A 172 -1.87 17.98 16.87
CA SER A 172 -2.75 16.95 17.41
C SER A 172 -2.03 15.61 17.59
N GLY A 173 -0.76 15.56 17.20
CA GLY A 173 0.00 14.32 17.22
C GLY A 173 1.08 14.17 18.28
N TYR A 174 1.72 15.26 18.66
CA TYR A 174 2.93 15.18 19.50
C TYR A 174 2.95 16.13 20.69
N GLU A 175 3.33 15.57 21.85
CA GLU A 175 3.67 16.37 23.02
C GLU A 175 5.17 16.60 22.97
N ILE A 176 5.57 17.66 22.27
CA ILE A 176 6.96 17.85 21.86
C ILE A 176 8.01 17.87 22.98
N PRO A 177 7.81 18.68 24.04
CA PRO A 177 8.84 18.72 25.09
C PRO A 177 9.06 17.38 25.80
N GLN A 178 7.97 16.66 26.08
CA GLN A 178 8.01 15.38 26.78
C GLN A 178 8.56 14.27 25.88
N LEU A 179 8.06 14.21 24.65
CA LEU A 179 8.49 13.24 23.65
C LEU A 179 9.98 13.40 23.31
N SER A 180 10.45 14.65 23.27
CA SER A 180 11.85 14.96 22.96
C SER A 180 12.83 14.46 24.01
N GLN A 181 12.35 14.28 25.23
CA GLN A 181 13.16 13.80 26.35
C GLN A 181 13.57 12.33 26.19
N TYR A 182 12.76 11.56 25.48
CA TYR A 182 12.94 10.10 25.42
C TYR A 182 13.43 9.59 24.07
N LEU A 183 13.12 10.32 23.01
CA LEU A 183 13.62 9.98 21.68
C LEU A 183 15.10 10.30 21.57
N ASP A 184 15.85 9.42 20.92
CA ASP A 184 17.26 9.65 20.65
C ASP A 184 17.41 10.64 19.49
N TYR A 185 16.62 10.42 18.43
CA TYR A 185 16.59 11.32 17.28
C TYR A 185 15.15 11.57 16.85
N ILE A 186 14.92 12.78 16.35
CA ILE A 186 13.62 13.15 15.81
C ILE A 186 13.79 13.38 14.31
N HIS A 187 13.26 12.46 13.51
CA HIS A 187 13.38 12.52 12.04
C HIS A 187 12.19 13.27 11.43
N VAL A 188 12.38 14.56 11.17
CA VAL A 188 11.29 15.40 10.68
C VAL A 188 11.12 15.22 9.18
N MET A 189 9.92 14.84 8.77
CA MET A 189 9.64 14.53 7.38
C MET A 189 9.31 15.78 6.58
N THR A 190 10.34 16.61 6.39
CA THR A 190 10.22 17.86 5.67
C THR A 190 10.21 17.63 4.16
N TYR A 191 9.18 16.93 3.71
CA TYR A 191 8.92 16.68 2.30
C TYR A 191 7.44 16.38 2.12
N ASP A 192 7.01 16.21 0.87
CA ASP A 192 5.58 16.15 0.51
C ASP A 192 4.86 17.40 1.00
N LEU A 193 5.60 18.52 1.06
CA LEU A 193 5.06 19.78 1.53
C LEU A 193 4.13 20.41 0.50
N HIS A 194 4.33 20.04 -0.76
CA HIS A 194 3.39 20.33 -1.84
C HIS A 194 3.26 19.08 -2.73
N GLY A 195 2.18 19.03 -3.50
CA GLY A 195 1.90 17.90 -4.39
C GLY A 195 0.60 18.13 -5.15
N SER A 196 0.28 17.19 -6.04
CA SER A 196 -0.86 17.32 -6.96
C SER A 196 -2.23 17.40 -6.27
N TRP A 197 -2.33 16.86 -5.06
CA TRP A 197 -3.56 16.97 -4.25
C TRP A 197 -4.02 18.43 -4.06
N GLU A 198 -3.11 19.38 -4.27
CA GLU A 198 -3.41 20.80 -4.06
C GLU A 198 -4.08 21.48 -5.25
N GLY A 199 -3.78 21.01 -6.45
CA GLY A 199 -4.39 21.56 -7.67
C GLY A 199 -3.56 22.60 -8.40
N TYR A 200 -2.33 22.80 -7.94
CA TYR A 200 -1.37 23.70 -8.59
C TYR A 200 0.05 23.25 -8.31
N THR A 201 0.99 23.67 -9.17
CA THR A 201 2.40 23.29 -9.00
C THR A 201 2.98 23.87 -7.72
N GLY A 202 3.78 23.06 -7.05
CA GLY A 202 4.45 23.46 -5.82
C GLY A 202 5.65 22.57 -5.59
N GLU A 203 6.51 22.96 -4.65
CA GLU A 203 7.75 22.23 -4.41
C GLU A 203 7.61 21.15 -3.33
N ASN A 204 8.31 20.04 -3.55
CA ASN A 204 8.32 18.90 -2.64
C ASN A 204 8.88 19.27 -1.26
N SER A 205 10.01 19.96 -1.28
CA SER A 205 10.70 20.34 -0.06
C SER A 205 11.37 21.70 -0.23
N PRO A 206 10.57 22.77 -0.33
CA PRO A 206 11.16 24.11 -0.44
C PRO A 206 11.81 24.52 0.87
N LEU A 207 12.99 25.15 0.80
CA LEU A 207 13.69 25.61 2.01
C LEU A 207 12.96 26.77 2.67
N TYR A 208 12.57 27.76 1.88
CA TYR A 208 11.88 28.95 2.36
C TYR A 208 10.49 29.06 1.74
N LYS A 209 9.69 30.01 2.22
CA LYS A 209 8.37 30.24 1.65
C LYS A 209 8.46 30.95 0.28
N TYR A 210 7.46 30.71 -0.56
CA TYR A 210 7.31 31.43 -1.80
C TYR A 210 6.50 32.69 -1.49
N PRO A 211 6.83 33.83 -2.13
CA PRO A 211 6.12 35.08 -1.81
C PRO A 211 4.59 34.95 -1.80
N THR A 212 4.03 34.08 -2.64
CA THR A 212 2.57 33.88 -2.70
C THR A 212 2.02 33.00 -1.57
N ASP A 213 2.90 32.40 -0.78
CA ASP A 213 2.48 31.58 0.37
C ASP A 213 1.85 32.45 1.46
N THR A 214 0.53 32.37 1.55
CA THR A 214 -0.24 33.18 2.50
C THR A 214 -0.95 32.27 3.49
N GLY A 215 -1.25 32.82 4.68
CA GLY A 215 -1.91 32.06 5.74
C GLY A 215 -1.14 30.81 6.14
N SER A 216 -1.85 29.69 6.19
CA SER A 216 -1.27 28.40 6.61
C SER A 216 -0.26 27.83 5.60
N ASN A 217 -0.32 28.30 4.36
CA ASN A 217 0.63 27.89 3.32
C ASN A 217 2.07 28.36 3.59
N ALA A 218 2.19 29.41 4.41
CA ALA A 218 3.49 29.97 4.82
C ALA A 218 4.29 29.02 5.71
N TYR A 219 3.64 27.95 6.15
CA TYR A 219 4.25 26.95 7.03
C TYR A 219 4.83 25.79 6.23
N LEU A 220 4.51 25.75 4.94
CA LEU A 220 4.88 24.64 4.07
C LEU A 220 6.29 24.80 3.49
N ASN A 221 7.28 24.92 4.38
CA ASN A 221 8.70 24.97 4.01
C ASN A 221 9.59 24.45 5.14
N VAL A 222 10.78 23.96 4.77
CA VAL A 222 11.72 23.32 5.68
C VAL A 222 12.13 24.21 6.87
N ASP A 223 12.44 25.47 6.59
CA ASP A 223 12.87 26.43 7.61
C ASP A 223 11.81 26.63 8.69
N TYR A 224 10.56 26.87 8.28
CA TYR A 224 9.48 27.08 9.24
C TYR A 224 9.23 25.84 10.10
N VAL A 225 9.16 24.68 9.44
CA VAL A 225 8.84 23.42 10.12
C VAL A 225 9.88 23.04 11.16
N MET A 226 11.16 23.09 10.78
CA MET A 226 12.26 22.73 11.68
C MET A 226 12.32 23.67 12.88
N ASN A 227 12.11 24.96 12.63
CA ASN A 227 12.06 25.96 13.69
C ASN A 227 10.82 25.86 14.57
N TYR A 228 9.71 25.37 13.99
CA TYR A 228 8.51 25.11 14.78
C TYR A 228 8.79 24.03 15.81
N TRP A 229 9.37 22.91 15.37
CA TRP A 229 9.75 21.81 16.26
C TRP A 229 10.68 22.27 17.37
N LYS A 230 11.67 23.09 17.01
CA LYS A 230 12.64 23.65 17.96
C LYS A 230 11.99 24.63 18.96
N ASP A 231 11.20 25.56 18.47
CA ASP A 231 10.60 26.59 19.31
C ASP A 231 9.53 26.03 20.23
N ASN A 232 9.04 24.82 19.92
CA ASN A 232 7.99 24.19 20.72
C ASN A 232 8.43 23.04 21.64
N GLY A 233 9.75 22.85 21.79
CA GLY A 233 10.27 21.96 22.82
C GLY A 233 11.37 20.97 22.46
N ALA A 234 11.63 20.80 21.16
CA ALA A 234 12.64 19.83 20.71
C ALA A 234 14.04 20.45 20.64
N PRO A 235 15.03 19.79 21.28
CA PRO A 235 16.40 20.28 21.22
C PRO A 235 16.89 20.20 19.78
N ALA A 236 17.58 21.25 19.32
CA ALA A 236 18.10 21.32 17.96
C ALA A 236 19.03 20.14 17.64
N GLU A 237 19.84 19.74 18.61
CA GLU A 237 20.80 18.64 18.45
C GLU A 237 20.15 17.28 18.25
N LYS A 238 18.87 17.17 18.61
CA LYS A 238 18.11 15.93 18.41
C LYS A 238 17.34 15.95 17.09
N LEU A 239 17.09 17.15 16.58
CA LEU A 239 16.31 17.32 15.36
C LEU A 239 17.09 16.99 14.10
N ILE A 240 16.49 16.15 13.27
CA ILE A 240 17.10 15.69 12.03
C ILE A 240 16.24 16.13 10.84
N VAL A 241 16.83 16.95 9.97
CA VAL A 241 16.16 17.49 8.78
C VAL A 241 15.94 16.44 7.69
N GLY A 242 14.73 16.36 7.17
CA GLY A 242 14.38 15.40 6.12
C GLY A 242 14.76 15.86 4.73
N PHE A 243 15.56 15.06 4.05
CA PHE A 243 16.00 15.34 2.68
C PHE A 243 15.43 14.30 1.71
N PRO A 244 14.63 14.76 0.72
CA PRO A 244 14.07 13.89 -0.31
C PRO A 244 14.96 13.72 -1.55
N THR A 245 15.14 12.47 -1.98
CA THR A 245 15.87 12.17 -3.22
C THR A 245 14.87 11.84 -4.33
N TYR A 246 13.70 12.44 -4.24
CA TYR A 246 12.63 12.29 -5.21
C TYR A 246 11.90 13.62 -5.29
N GLY A 247 11.11 13.81 -6.34
CA GLY A 247 10.26 14.97 -6.48
C GLY A 247 8.82 14.58 -6.76
N HIS A 248 7.94 15.57 -6.76
CA HIS A 248 6.55 15.39 -7.15
C HIS A 248 6.29 16.02 -8.51
N ASN A 249 5.69 15.24 -9.41
CA ASN A 249 5.31 15.76 -10.72
C ASN A 249 3.80 15.98 -10.89
N PHE A 250 3.46 16.79 -11.89
CA PHE A 250 2.12 17.32 -12.07
C PHE A 250 1.78 17.29 -13.56
N ILE A 251 0.49 17.19 -13.88
CA ILE A 251 0.02 17.44 -15.25
C ILE A 251 -0.46 18.89 -15.30
N LEU A 252 0.25 19.72 -16.07
CA LEU A 252 -0.08 21.14 -16.21
C LEU A 252 -1.35 21.31 -17.03
N SER A 253 -2.28 22.10 -16.49
CA SER A 253 -3.54 22.40 -17.18
C SER A 253 -3.29 23.26 -18.42
N ASN A 254 -2.30 24.15 -18.32
CA ASN A 254 -1.86 25.00 -19.43
C ASN A 254 -0.35 24.85 -19.60
N PRO A 255 0.08 24.11 -20.64
CA PRO A 255 1.50 23.83 -20.93
C PRO A 255 2.36 25.08 -21.12
N SER A 256 1.74 26.23 -21.34
CA SER A 256 2.45 27.49 -21.48
C SER A 256 2.54 28.27 -20.16
N ASN A 257 1.92 27.71 -19.11
CA ASN A 257 1.98 28.26 -17.76
C ASN A 257 2.80 27.28 -16.89
N THR A 258 4.07 27.62 -16.67
CA THR A 258 5.06 26.66 -16.17
C THR A 258 5.77 27.06 -14.86
N GLY A 259 5.30 28.12 -14.22
CA GLY A 259 5.91 28.59 -12.97
C GLY A 259 5.36 27.93 -11.73
N ILE A 260 5.75 28.45 -10.56
CA ILE A 260 5.21 28.01 -9.28
C ILE A 260 3.79 28.56 -9.11
N GLY A 261 2.86 27.67 -8.74
CA GLY A 261 1.47 28.03 -8.53
C GLY A 261 0.61 27.89 -9.79
N ALA A 262 1.18 27.28 -10.82
CA ALA A 262 0.48 27.05 -12.10
C ALA A 262 -0.59 25.97 -11.92
N PRO A 263 -1.75 26.13 -12.59
CA PRO A 263 -2.84 25.18 -12.35
C PRO A 263 -2.53 23.82 -12.94
N THR A 264 -2.88 22.77 -12.19
CA THR A 264 -2.65 21.40 -12.62
C THR A 264 -3.95 20.60 -12.58
N SER A 265 -4.01 19.53 -13.37
CA SER A 265 -5.22 18.71 -13.50
C SER A 265 -5.07 17.35 -12.83
N GLY A 266 -3.90 17.11 -12.23
CA GLY A 266 -3.65 15.86 -11.52
C GLY A 266 -2.17 15.55 -11.36
N ALA A 267 -1.90 14.37 -10.81
CA ALA A 267 -0.53 13.88 -10.61
C ALA A 267 0.15 13.61 -11.94
N GLY A 268 1.47 13.79 -11.96
CA GLY A 268 2.27 13.54 -13.15
C GLY A 268 2.48 12.05 -13.39
N PRO A 269 3.05 11.68 -14.55
CA PRO A 269 3.20 10.27 -14.91
C PRO A 269 4.13 9.51 -13.97
N ALA A 270 3.79 8.25 -13.70
CA ALA A 270 4.68 7.35 -13.00
C ALA A 270 5.98 7.20 -13.78
N GLY A 271 7.11 7.13 -13.06
CA GLY A 271 8.41 6.87 -13.66
C GLY A 271 8.55 5.43 -14.10
N PRO A 272 9.51 5.14 -14.99
CA PRO A 272 9.67 3.80 -15.55
C PRO A 272 10.32 2.79 -14.58
N TYR A 273 10.79 3.29 -13.44
CA TYR A 273 11.49 2.46 -12.48
C TYR A 273 10.72 2.31 -11.16
N ALA A 274 10.43 3.42 -10.50
CA ALA A 274 9.68 3.41 -9.25
C ALA A 274 8.19 3.19 -9.49
N LYS A 275 7.71 3.59 -10.67
CA LYS A 275 6.31 3.43 -11.08
C LYS A 275 5.32 4.00 -10.05
N GLU A 276 5.70 5.12 -9.46
CA GLU A 276 4.85 5.85 -8.53
C GLU A 276 4.20 7.02 -9.23
N SER A 277 2.87 6.98 -9.30
CA SER A 277 2.09 8.08 -9.81
C SER A 277 2.37 9.34 -8.98
N GLY A 278 2.72 10.43 -9.66
CA GLY A 278 3.00 11.71 -9.00
C GLY A 278 4.37 11.85 -8.36
N ILE A 279 5.24 10.85 -8.55
CA ILE A 279 6.56 10.81 -7.93
C ILE A 279 7.62 10.30 -8.90
N TRP A 280 8.70 11.07 -9.05
CA TRP A 280 9.88 10.61 -9.79
C TRP A 280 11.11 10.57 -8.88
N ALA A 281 11.84 9.46 -8.95
CA ALA A 281 13.13 9.32 -8.27
C ALA A 281 14.09 10.31 -8.90
N TYR A 282 15.08 10.78 -8.15
CA TYR A 282 16.04 11.72 -8.70
C TYR A 282 16.63 11.26 -10.03
N TYR A 283 16.99 9.97 -10.11
CA TYR A 283 17.58 9.41 -11.33
C TYR A 283 16.57 9.35 -12.49
N GLU A 284 15.28 9.28 -12.16
CA GLU A 284 14.20 9.40 -13.14
C GLU A 284 14.03 10.85 -13.60
N ILE A 285 14.28 11.80 -12.71
CA ILE A 285 14.26 13.22 -13.09
C ILE A 285 15.42 13.54 -14.01
N CYS A 286 16.57 12.92 -13.76
CA CYS A 286 17.75 13.10 -14.62
C CYS A 286 17.47 12.67 -16.07
N THR A 287 16.76 11.54 -16.23
CA THR A 287 16.27 11.12 -17.55
C THR A 287 15.38 12.21 -18.18
N PHE A 288 14.44 12.73 -17.39
CA PHE A 288 13.56 13.81 -17.80
C PHE A 288 14.34 15.00 -18.39
N LEU A 289 15.40 15.40 -17.69
CA LEU A 289 16.25 16.51 -18.11
C LEU A 289 17.05 16.19 -19.36
N LYS A 290 17.62 14.98 -19.42
CA LYS A 290 18.41 14.52 -20.56
C LYS A 290 17.59 14.46 -21.85
N ASN A 291 16.31 14.10 -21.72
CA ASN A 291 15.39 14.02 -22.85
C ASN A 291 14.80 15.38 -23.24
N GLY A 292 15.37 16.45 -22.73
CA GLY A 292 15.09 17.80 -23.21
C GLY A 292 14.18 18.70 -22.40
N ALA A 293 13.93 18.34 -21.14
CA ALA A 293 13.11 19.16 -20.25
C ALA A 293 13.82 20.45 -19.86
N THR A 294 13.03 21.52 -19.72
CA THR A 294 13.57 22.83 -19.39
C THR A 294 13.87 22.94 -17.89
N GLN A 295 15.11 23.29 -17.57
CA GLN A 295 15.55 23.50 -16.21
C GLN A 295 15.02 24.83 -15.67
N GLY A 296 14.33 24.76 -14.53
CA GLY A 296 13.87 25.95 -13.82
C GLY A 296 14.54 26.01 -12.45
N TRP A 297 14.66 27.23 -11.92
CA TRP A 297 15.15 27.41 -10.56
C TRP A 297 14.20 28.30 -9.77
N ASP A 298 13.64 27.73 -8.69
CA ASP A 298 12.76 28.43 -7.76
C ASP A 298 13.65 29.15 -6.76
N ALA A 299 14.03 30.38 -7.11
CA ALA A 299 15.03 31.15 -6.36
C ALA A 299 14.68 31.49 -4.90
N PRO A 300 13.42 31.91 -4.62
CA PRO A 300 13.05 32.21 -3.23
C PRO A 300 13.09 30.97 -2.33
N GLN A 301 12.84 29.81 -2.91
CA GLN A 301 12.72 28.57 -2.15
C GLN A 301 13.96 27.69 -2.27
N GLU A 302 14.91 28.14 -3.09
CA GLU A 302 16.24 27.52 -3.25
C GLU A 302 16.16 26.07 -3.75
N VAL A 303 15.19 25.81 -4.62
CA VAL A 303 14.97 24.46 -5.12
C VAL A 303 14.71 24.48 -6.62
N PRO A 304 15.11 23.40 -7.32
CA PRO A 304 14.89 23.35 -8.76
C PRO A 304 13.49 22.85 -9.12
N TYR A 305 13.12 23.07 -10.38
CA TYR A 305 11.98 22.41 -10.98
C TYR A 305 12.26 22.22 -12.46
N ALA A 306 11.46 21.41 -13.14
CA ALA A 306 11.65 21.16 -14.56
C ALA A 306 10.33 20.87 -15.24
N TYR A 307 10.26 21.19 -16.53
CA TYR A 307 9.02 21.02 -17.28
C TYR A 307 9.29 20.73 -18.76
N GLN A 308 8.34 20.01 -19.37
CA GLN A 308 8.35 19.70 -20.79
C GLN A 308 6.95 19.24 -21.14
N GLY A 309 6.40 19.77 -22.22
CA GLY A 309 5.01 19.50 -22.59
C GLY A 309 4.09 19.89 -21.44
N ASN A 310 3.20 18.97 -21.07
CA ASN A 310 2.29 19.20 -19.95
C ASN A 310 2.77 18.56 -18.63
N VAL A 311 4.05 18.24 -18.55
CA VAL A 311 4.61 17.64 -17.33
C VAL A 311 5.56 18.58 -16.61
N TRP A 312 5.29 18.80 -15.33
CA TRP A 312 6.04 19.71 -14.48
C TRP A 312 6.48 18.92 -13.26
N VAL A 313 7.73 19.10 -12.84
CA VAL A 313 8.25 18.40 -11.67
C VAL A 313 8.97 19.37 -10.72
N GLY A 314 8.70 19.22 -9.43
CA GLY A 314 9.41 19.96 -8.38
C GLY A 314 10.20 18.98 -7.55
N TYR A 315 11.47 19.28 -7.30
CA TYR A 315 12.39 18.32 -6.72
C TYR A 315 13.60 18.97 -6.04
N ASP A 316 14.59 18.14 -5.71
CA ASP A 316 15.87 18.58 -5.18
C ASP A 316 17.03 18.09 -6.03
N ASN A 317 18.08 18.89 -6.12
CA ASN A 317 19.30 18.47 -6.83
C ASN A 317 20.56 18.69 -5.97
N VAL A 318 21.74 18.63 -6.60
CA VAL A 318 23.01 18.81 -5.88
C VAL A 318 23.08 20.20 -5.24
N LYS A 319 22.74 21.22 -6.03
CA LYS A 319 22.74 22.62 -5.58
C LYS A 319 21.83 22.86 -4.37
N SER A 320 20.58 22.36 -4.43
CA SER A 320 19.61 22.60 -3.35
C SER A 320 19.97 21.86 -2.06
N PHE A 321 20.46 20.63 -2.20
CA PHE A 321 20.96 19.83 -1.07
C PHE A 321 22.13 20.54 -0.36
N ASP A 322 23.01 21.14 -1.16
CA ASP A 322 24.17 21.87 -0.66
C ASP A 322 23.77 23.15 0.09
N ILE A 323 22.81 23.89 -0.49
CA ILE A 323 22.24 25.08 0.15
C ILE A 323 21.55 24.73 1.48
N LYS A 324 20.73 23.69 1.45
CA LYS A 324 20.04 23.20 2.65
C LYS A 324 21.01 22.73 3.74
N ALA A 325 22.12 22.13 3.32
CA ALA A 325 23.12 21.64 4.27
C ALA A 325 23.86 22.79 4.98
N GLN A 326 24.16 23.86 4.26
CA GLN A 326 24.80 25.03 4.87
C GLN A 326 23.84 25.71 5.83
N TRP A 327 22.55 25.72 5.48
CA TRP A 327 21.48 26.25 6.32
C TRP A 327 21.37 25.44 7.61
N LEU A 328 21.40 24.12 7.47
CA LEU A 328 21.31 23.18 8.58
C LEU A 328 22.40 23.46 9.61
N LYS A 329 23.64 23.62 9.12
CA LYS A 329 24.79 23.89 9.98
C LYS A 329 24.70 25.23 10.69
N HIS A 330 24.28 26.28 9.97
CA HIS A 330 24.04 27.61 10.56
C HIS A 330 23.02 27.54 11.69
N ASN A 331 22.02 26.66 11.52
CA ASN A 331 20.96 26.49 12.50
C ASN A 331 21.27 25.44 13.57
N LYS A 332 22.40 24.77 13.38
CA LYS A 332 22.95 23.81 14.36
C LYS A 332 21.99 22.69 14.74
N PHE A 333 21.32 22.11 13.73
CA PHE A 333 20.52 20.91 13.93
C PHE A 333 21.40 19.67 14.04
N GLY A 334 20.81 18.55 14.45
CA GLY A 334 21.57 17.32 14.70
C GLY A 334 22.14 16.64 13.46
N GLY A 335 21.60 16.99 12.29
CA GLY A 335 22.02 16.41 11.03
C GLY A 335 20.89 16.28 10.03
N ALA A 336 21.04 15.33 9.10
CA ALA A 336 20.10 15.15 8.01
C ALA A 336 19.68 13.69 7.89
N MET A 337 18.41 13.46 7.53
CA MET A 337 17.97 12.12 7.13
C MET A 337 17.53 12.15 5.68
N VAL A 338 17.62 11.01 5.01
CA VAL A 338 17.40 10.94 3.57
C VAL A 338 16.34 9.90 3.20
N TRP A 339 15.26 10.36 2.56
CA TRP A 339 14.31 9.45 1.90
C TRP A 339 14.44 9.59 0.38
N ALA A 340 14.96 8.56 -0.32
CA ALA A 340 15.50 7.33 0.27
C ALA A 340 16.76 6.96 -0.50
N ILE A 341 17.62 6.14 0.10
CA ILE A 341 18.90 5.77 -0.53
C ILE A 341 18.71 5.20 -1.95
N ASP A 342 17.67 4.38 -2.12
CA ASP A 342 17.36 3.71 -3.39
C ASP A 342 16.79 4.62 -4.48
N LEU A 343 16.49 5.88 -4.11
CA LEU A 343 15.95 6.88 -5.04
C LEU A 343 17.00 7.85 -5.56
N ASP A 344 18.16 7.88 -4.92
CA ASP A 344 19.33 8.62 -5.39
C ASP A 344 19.94 7.87 -6.59
N ASP A 345 20.75 8.56 -7.39
CA ASP A 345 21.38 7.92 -8.54
C ASP A 345 22.54 7.04 -8.07
N PHE A 346 22.19 5.88 -7.51
CA PHE A 346 23.16 4.98 -6.91
C PHE A 346 24.17 4.36 -7.90
N THR A 347 23.72 4.08 -9.12
CA THR A 347 24.60 3.59 -10.19
C THR A 347 25.48 4.71 -10.77
N GLY A 348 24.96 5.93 -10.74
CA GLY A 348 25.66 7.08 -11.34
C GLY A 348 25.46 7.20 -12.84
N THR A 349 24.71 6.26 -13.42
CA THR A 349 24.54 6.18 -14.88
C THR A 349 23.42 7.08 -15.41
N PHE A 350 22.61 7.63 -14.52
CA PHE A 350 21.48 8.45 -14.91
C PHE A 350 21.81 9.94 -14.95
N CYS A 351 22.57 10.40 -13.96
CA CYS A 351 22.80 11.84 -13.77
C CYS A 351 24.22 12.29 -14.11
N ASN A 352 25.14 11.34 -14.20
CA ASN A 352 26.56 11.59 -14.47
C ASN A 352 27.19 12.55 -13.47
N GLN A 353 26.82 12.40 -12.21
CA GLN A 353 27.34 13.24 -11.11
C GLN A 353 28.03 12.38 -10.06
N GLY A 354 28.43 11.17 -10.47
CA GLY A 354 29.03 10.20 -9.57
C GLY A 354 27.96 9.34 -8.93
N LYS A 355 28.38 8.30 -8.20
CA LYS A 355 27.46 7.42 -7.50
C LYS A 355 26.93 8.12 -6.24
N PHE A 356 25.63 7.95 -5.99
CA PHE A 356 24.93 8.62 -4.89
C PHE A 356 25.19 10.14 -4.84
N PRO A 357 24.93 10.86 -5.94
CA PRO A 357 25.32 12.28 -6.00
C PRO A 357 24.65 13.18 -4.96
N LEU A 358 23.40 12.87 -4.60
CA LEU A 358 22.67 13.68 -3.63
C LEU A 358 23.16 13.44 -2.21
N ILE A 359 23.33 12.17 -1.85
CA ILE A 359 23.76 11.83 -0.50
C ILE A 359 25.24 12.16 -0.28
N SER A 360 26.05 11.98 -1.32
CA SER A 360 27.47 12.39 -1.30
C SER A 360 27.63 13.90 -1.06
N THR A 361 26.69 14.68 -1.59
CA THR A 361 26.67 16.13 -1.39
C THR A 361 26.51 16.45 0.10
N LEU A 362 25.65 15.68 0.77
CA LEU A 362 25.43 15.82 2.20
C LEU A 362 26.61 15.33 3.02
N LYS A 363 27.16 14.16 2.65
CA LYS A 363 28.34 13.60 3.33
C LYS A 363 29.49 14.60 3.35
N LYS A 364 29.68 15.29 2.22
CA LYS A 364 30.76 16.26 2.07
C LYS A 364 30.45 17.54 2.85
N ALA A 365 29.23 18.05 2.69
CA ALA A 365 28.81 19.32 3.31
C ALA A 365 28.75 19.24 4.83
N LEU A 366 28.40 18.06 5.35
CA LEU A 366 28.26 17.87 6.80
C LEU A 366 29.57 17.41 7.46
N GLY A 367 30.67 17.44 6.68
CA GLY A 367 32.01 17.17 7.20
C GLY A 367 32.30 15.71 7.53
N LEU A 368 31.73 14.80 6.75
CA LEU A 368 31.89 13.36 6.98
C LEU A 368 32.83 12.67 5.99
N GLN A 369 33.34 13.40 5.00
CA GLN A 369 34.20 12.81 3.96
C GLN A 369 35.44 12.08 4.49
N SER A 370 35.98 12.55 5.62
CA SER A 370 37.19 11.96 6.21
C SER A 370 36.87 11.02 7.39
N ALA A 371 35.60 10.82 7.68
CA ALA A 371 35.16 10.00 8.82
C ALA A 371 35.57 8.54 8.66
N SER A 372 36.05 7.96 9.77
CA SER A 372 36.61 6.60 9.77
C SER A 372 35.70 5.58 9.13
N CYS A 373 36.27 4.78 8.23
CA CYS A 373 35.53 3.69 7.62
C CYS A 373 36.39 2.43 7.51
N THR A 374 36.36 1.65 8.58
CA THR A 374 37.15 0.44 8.70
C THR A 374 36.27 -0.67 9.25
N ALA A 375 36.51 -1.90 8.80
CA ALA A 375 35.81 -3.07 9.31
C ALA A 375 36.14 -3.27 10.79
N PRO A 376 35.15 -3.77 11.58
CA PRO A 376 35.40 -4.05 13.00
C PRO A 376 36.28 -5.29 13.18
N ALA A 377 37.09 -5.28 14.25
CA ALA A 377 38.01 -6.37 14.57
C ALA A 377 37.26 -7.65 14.94
N TYR B 1 -26.79 -16.45 -14.89
CA TYR B 1 -25.68 -16.13 -13.95
C TYR B 1 -24.93 -14.88 -14.38
N GLN B 2 -24.33 -14.20 -13.40
CA GLN B 2 -23.40 -13.10 -13.67
C GLN B 2 -21.97 -13.62 -13.65
N LEU B 3 -21.10 -13.00 -14.44
CA LEU B 3 -19.67 -13.21 -14.37
C LEU B 3 -19.00 -11.85 -14.24
N THR B 4 -18.57 -11.56 -13.01
CA THR B 4 -18.08 -10.26 -12.64
C THR B 4 -16.57 -10.30 -12.45
N CYS B 5 -15.86 -9.45 -13.17
CA CYS B 5 -14.41 -9.50 -13.22
C CYS B 5 -13.78 -8.17 -12.76
N TYR B 6 -12.99 -8.23 -11.69
CA TYR B 6 -12.26 -7.06 -11.21
C TYR B 6 -11.03 -6.77 -12.05
N PHE B 7 -10.88 -5.50 -12.41
CA PHE B 7 -9.68 -5.00 -13.07
C PHE B 7 -8.95 -4.08 -12.09
N THR B 8 -7.62 -4.17 -12.06
CA THR B 8 -6.82 -3.35 -11.16
C THR B 8 -5.96 -2.34 -11.92
N ASN B 9 -5.96 -1.09 -11.45
CA ASN B 9 -5.28 0.00 -12.15
C ASN B 9 -3.77 0.13 -11.84
N TRP B 10 -3.22 -0.88 -11.17
CA TRP B 10 -1.79 -0.94 -10.94
C TRP B 10 -1.11 -2.07 -11.70
N ALA B 11 -1.91 -2.89 -12.39
CA ALA B 11 -1.37 -3.97 -13.22
C ALA B 11 -0.62 -3.39 -14.43
N GLN B 12 -0.91 -2.12 -14.73
CA GLN B 12 -0.23 -1.38 -15.80
C GLN B 12 1.26 -1.21 -15.56
N TYR B 13 1.70 -1.41 -14.32
CA TYR B 13 3.10 -1.17 -13.94
C TYR B 13 3.93 -2.46 -13.93
N ARG B 14 3.29 -3.60 -14.18
CA ARG B 14 4.00 -4.87 -14.26
C ARG B 14 4.83 -4.95 -15.54
N PRO B 15 6.02 -5.58 -15.47
CA PRO B 15 6.94 -5.59 -16.63
C PRO B 15 6.50 -6.53 -17.73
N GLY B 16 6.95 -6.25 -18.95
CA GLY B 16 6.74 -7.10 -20.12
C GLY B 16 5.36 -7.72 -20.25
N LEU B 17 5.32 -9.05 -20.25
CA LEU B 17 4.07 -9.82 -20.42
C LEU B 17 3.08 -9.66 -19.27
N GLY B 18 3.53 -9.05 -18.17
CA GLY B 18 2.69 -8.84 -17.01
C GLY B 18 1.79 -7.61 -17.09
N ARG B 19 2.17 -6.65 -17.93
CA ARG B 19 1.44 -5.39 -18.09
C ARG B 19 0.02 -5.63 -18.58
N PHE B 20 -0.95 -5.07 -17.86
CA PHE B 20 -2.36 -5.23 -18.23
C PHE B 20 -3.11 -3.90 -18.23
N MET B 21 -3.64 -3.55 -19.40
CA MET B 21 -4.40 -2.32 -19.61
C MET B 21 -5.87 -2.66 -19.85
N PRO B 22 -6.78 -1.67 -19.70
CA PRO B 22 -8.20 -1.95 -19.98
C PRO B 22 -8.47 -2.50 -21.37
N ASP B 23 -7.65 -2.10 -22.35
CA ASP B 23 -7.78 -2.60 -23.73
C ASP B 23 -7.35 -4.06 -23.89
N ASP B 24 -6.70 -4.63 -22.88
CA ASP B 24 -6.36 -6.05 -22.85
C ASP B 24 -7.53 -6.91 -22.38
N ILE B 25 -8.65 -6.27 -22.04
CA ILE B 25 -9.85 -6.97 -21.63
C ILE B 25 -10.67 -7.34 -22.86
N ASN B 26 -10.99 -8.63 -22.97
CA ASN B 26 -11.98 -9.11 -23.94
C ASN B 26 -13.37 -8.66 -23.45
N PRO B 27 -14.04 -7.78 -24.22
CA PRO B 27 -15.31 -7.21 -23.77
C PRO B 27 -16.45 -8.24 -23.70
N CYS B 28 -16.27 -9.36 -24.38
CA CYS B 28 -17.28 -10.43 -24.46
C CYS B 28 -17.06 -11.52 -23.41
N LEU B 29 -16.09 -11.32 -22.53
CA LEU B 29 -15.70 -12.34 -21.56
C LEU B 29 -16.60 -12.36 -20.32
N CYS B 30 -16.79 -11.19 -19.71
CA CYS B 30 -17.54 -11.07 -18.46
C CYS B 30 -18.84 -10.29 -18.67
N THR B 31 -19.81 -10.47 -17.76
CA THR B 31 -21.06 -9.69 -17.80
C THR B 31 -20.92 -8.35 -17.07
N HIS B 32 -20.09 -8.32 -16.05
CA HIS B 32 -19.82 -7.11 -15.28
C HIS B 32 -18.31 -6.91 -15.15
N LEU B 33 -17.86 -5.68 -15.31
CA LEU B 33 -16.46 -5.34 -15.11
C LEU B 33 -16.34 -4.28 -14.02
N ILE B 34 -15.49 -4.53 -13.03
CA ILE B 34 -15.32 -3.61 -11.90
C ILE B 34 -13.90 -3.03 -11.83
N TYR B 35 -13.82 -1.70 -11.74
CA TYR B 35 -12.54 -0.98 -11.74
C TYR B 35 -12.03 -0.74 -10.32
N ALA B 36 -10.90 -1.36 -10.00
CA ALA B 36 -10.25 -1.18 -8.69
C ALA B 36 -8.94 -0.41 -8.85
N PHE B 37 -8.74 0.70 -8.10
CA PHE B 37 -9.69 1.25 -7.13
C PHE B 37 -9.82 2.78 -7.28
N ALA B 38 -10.94 3.31 -6.78
CA ALA B 38 -11.07 4.75 -6.58
C ALA B 38 -10.69 5.09 -5.14
N GLY B 39 -10.35 6.36 -4.91
CA GLY B 39 -9.98 6.82 -3.58
C GLY B 39 -11.00 7.77 -3.00
N MET B 40 -10.58 8.55 -2.02
CA MET B 40 -11.44 9.51 -1.34
C MET B 40 -10.63 10.68 -0.81
N GLN B 41 -11.14 11.89 -1.03
CA GLN B 41 -10.55 13.11 -0.47
C GLN B 41 -11.66 14.06 -0.04
N ASN B 42 -11.54 14.57 1.18
CA ASN B 42 -12.55 15.47 1.78
C ASN B 42 -13.96 14.90 1.69
N ASN B 43 -14.08 13.60 1.96
CA ASN B 43 -15.35 12.87 1.91
C ASN B 43 -15.99 12.79 0.50
N GLU B 44 -15.18 12.94 -0.53
CA GLU B 44 -15.63 12.82 -1.92
C GLU B 44 -14.81 11.76 -2.69
N ILE B 45 -15.47 11.04 -3.59
CA ILE B 45 -14.79 10.04 -4.41
C ILE B 45 -13.81 10.70 -5.39
N THR B 46 -12.65 10.07 -5.58
CA THR B 46 -11.61 10.61 -6.43
C THR B 46 -10.81 9.49 -7.10
N THR B 47 -9.95 9.87 -8.04
CA THR B 47 -9.04 8.95 -8.72
C THR B 47 -7.85 8.64 -7.81
N ILE B 48 -7.06 7.63 -8.16
CA ILE B 48 -5.82 7.34 -7.44
C ILE B 48 -4.57 7.41 -8.34
N GLU B 49 -4.65 6.80 -9.53
CA GLU B 49 -3.52 6.79 -10.45
C GLU B 49 -3.56 8.00 -11.39
N TRP B 50 -2.38 8.47 -11.79
CA TRP B 50 -2.24 9.64 -12.64
C TRP B 50 -3.09 9.60 -13.92
N ASN B 51 -3.23 8.41 -14.50
CA ASN B 51 -3.92 8.24 -15.77
C ASN B 51 -5.28 7.55 -15.69
N ASP B 52 -5.91 7.61 -14.51
CA ASP B 52 -7.21 6.97 -14.29
C ASP B 52 -8.30 7.44 -15.27
N VAL B 53 -8.37 8.74 -15.50
CA VAL B 53 -9.37 9.32 -16.41
C VAL B 53 -9.29 8.69 -17.80
N THR B 54 -8.08 8.63 -18.35
CA THR B 54 -7.81 7.96 -19.63
C THR B 54 -8.19 6.48 -19.56
N LEU B 55 -7.81 5.81 -18.47
CA LEU B 55 -8.13 4.41 -18.26
C LEU B 55 -9.63 4.15 -18.09
N TYR B 56 -10.34 5.09 -17.45
CA TYR B 56 -11.81 5.04 -17.33
C TYR B 56 -12.45 5.01 -18.72
N GLN B 57 -12.00 5.92 -19.59
CA GLN B 57 -12.50 6.04 -20.96
C GLN B 57 -12.35 4.72 -21.72
N ALA B 58 -11.15 4.13 -21.68
CA ALA B 58 -10.89 2.84 -22.30
C ALA B 58 -11.74 1.72 -21.69
N PHE B 59 -11.87 1.75 -20.36
CA PHE B 59 -12.61 0.76 -19.58
C PHE B 59 -14.09 0.78 -19.93
N ASN B 60 -14.70 1.95 -19.79
CA ASN B 60 -16.11 2.12 -20.12
C ASN B 60 -16.40 2.10 -21.63
N GLY B 61 -15.39 2.45 -22.42
CA GLY B 61 -15.45 2.32 -23.87
C GLY B 61 -15.60 0.89 -24.38
N LEU B 62 -15.29 -0.08 -23.53
CA LEU B 62 -15.48 -1.50 -23.85
C LEU B 62 -16.95 -1.85 -24.07
N LYS B 63 -17.83 -1.08 -23.41
CA LYS B 63 -19.28 -1.22 -23.59
C LYS B 63 -19.74 -0.93 -25.03
N ASN B 64 -18.87 -0.30 -25.83
CA ASN B 64 -19.16 -0.05 -27.25
C ASN B 64 -19.07 -1.32 -28.09
N LYS B 65 -18.31 -2.30 -27.61
CA LYS B 65 -18.13 -3.56 -28.31
C LYS B 65 -19.07 -4.66 -27.79
N ASN B 66 -19.62 -4.44 -26.60
CA ASN B 66 -20.57 -5.37 -25.98
C ASN B 66 -21.68 -4.60 -25.27
N SER B 67 -22.86 -4.54 -25.88
CA SER B 67 -23.96 -3.68 -25.43
C SER B 67 -24.61 -4.08 -24.10
N GLN B 68 -24.43 -5.33 -23.67
CA GLN B 68 -25.00 -5.80 -22.40
C GLN B 68 -24.00 -5.78 -21.25
N LEU B 69 -22.77 -5.36 -21.52
CA LEU B 69 -21.75 -5.22 -20.50
C LEU B 69 -22.07 -4.04 -19.58
N LYS B 70 -21.96 -4.26 -18.27
CA LYS B 70 -22.07 -3.17 -17.30
C LYS B 70 -20.73 -2.97 -16.61
N THR B 71 -20.43 -1.74 -16.22
CA THR B 71 -19.20 -1.45 -15.49
C THR B 71 -19.49 -0.86 -14.13
N LEU B 72 -18.62 -1.15 -13.16
CA LEU B 72 -18.71 -0.51 -11.85
C LEU B 72 -17.35 -0.01 -11.39
N LEU B 73 -17.35 1.02 -10.54
CA LEU B 73 -16.12 1.52 -9.93
C LEU B 73 -16.07 1.06 -8.48
N ALA B 74 -14.93 0.48 -8.08
CA ALA B 74 -14.74 0.02 -6.72
C ALA B 74 -13.97 1.06 -5.91
N ILE B 75 -14.49 1.39 -4.73
CA ILE B 75 -13.81 2.29 -3.81
C ILE B 75 -13.30 1.53 -2.58
N GLY B 76 -12.02 1.77 -2.25
CA GLY B 76 -11.41 1.20 -1.06
C GLY B 76 -10.23 0.31 -1.33
N GLY B 77 -10.29 -0.92 -0.82
CA GLY B 77 -9.19 -1.87 -0.90
C GLY B 77 -8.52 -2.07 0.46
N TRP B 78 -7.52 -2.94 0.52
CA TRP B 78 -6.83 -3.25 1.76
C TRP B 78 -5.98 -2.08 2.26
N ASN B 79 -5.15 -1.52 1.38
CA ASN B 79 -4.25 -0.42 1.74
C ASN B 79 -4.95 0.89 2.07
N PHE B 80 -6.09 1.12 1.43
CA PHE B 80 -6.98 2.24 1.73
C PHE B 80 -7.38 2.23 3.21
N GLY B 81 -7.63 1.03 3.74
CA GLY B 81 -7.99 0.87 5.14
C GLY B 81 -9.40 1.34 5.46
N THR B 82 -9.63 1.69 6.71
CA THR B 82 -10.98 1.96 7.21
C THR B 82 -11.20 3.43 7.56
N ALA B 83 -10.12 4.14 7.89
CA ALA B 83 -10.20 5.51 8.41
C ALA B 83 -11.05 6.50 7.58
N PRO B 84 -10.83 6.55 6.25
CA PRO B 84 -11.65 7.48 5.45
C PRO B 84 -13.14 7.12 5.43
N PHE B 85 -13.44 5.81 5.40
CA PHE B 85 -14.80 5.32 5.47
C PHE B 85 -15.46 5.66 6.81
N THR B 86 -14.70 5.49 7.89
CA THR B 86 -15.20 5.74 9.25
C THR B 86 -15.59 7.21 9.43
N ALA B 87 -14.72 8.12 8.95
CA ALA B 87 -14.97 9.54 8.99
C ALA B 87 -16.18 9.93 8.13
N MET B 88 -16.27 9.32 6.95
CA MET B 88 -17.31 9.63 5.97
C MET B 88 -18.71 9.24 6.45
N VAL B 89 -18.86 8.02 6.97
CA VAL B 89 -20.17 7.55 7.45
C VAL B 89 -20.60 8.16 8.79
N SER B 90 -19.67 8.78 9.50
CA SER B 90 -19.87 9.21 10.89
C SER B 90 -20.98 10.26 11.07
N THR B 91 -21.15 11.12 10.07
CA THR B 91 -22.19 12.15 10.11
C THR B 91 -23.04 12.11 8.82
N PRO B 92 -24.34 12.41 8.92
CA PRO B 92 -25.17 12.53 7.73
C PRO B 92 -24.65 13.56 6.72
N GLU B 93 -23.95 14.58 7.22
CA GLU B 93 -23.35 15.61 6.38
C GLU B 93 -22.28 15.05 5.44
N ASN B 94 -21.40 14.21 5.98
CA ASN B 94 -20.31 13.62 5.22
C ASN B 94 -20.76 12.54 4.25
N ARG B 95 -21.84 11.83 4.60
CA ARG B 95 -22.44 10.82 3.73
C ARG B 95 -23.08 11.45 2.49
N GLN B 96 -23.81 12.54 2.70
CA GLN B 96 -24.46 13.28 1.61
C GLN B 96 -23.42 13.88 0.68
N THR B 97 -22.36 14.44 1.27
CA THR B 97 -21.21 14.96 0.53
C THR B 97 -20.67 13.86 -0.39
N PHE B 98 -20.50 12.66 0.19
CA PHE B 98 -19.99 11.51 -0.54
C PHE B 98 -20.92 11.02 -1.63
N ILE B 99 -22.17 10.78 -1.27
CA ILE B 99 -23.20 10.27 -2.19
C ILE B 99 -23.33 11.17 -3.42
N THR B 100 -23.42 12.48 -3.20
CA THR B 100 -23.51 13.49 -4.26
C THR B 100 -22.32 13.39 -5.23
N SER B 101 -21.11 13.34 -4.68
CA SER B 101 -19.91 13.22 -5.49
C SER B 101 -19.88 11.92 -6.30
N VAL B 102 -20.41 10.84 -5.73
CA VAL B 102 -20.47 9.54 -6.39
C VAL B 102 -21.39 9.57 -7.62
N ILE B 103 -22.59 10.11 -7.46
CA ILE B 103 -23.55 10.22 -8.56
C ILE B 103 -22.93 10.97 -9.75
N LYS B 104 -22.34 12.13 -9.45
CA LYS B 104 -21.70 12.97 -10.46
C LYS B 104 -20.51 12.28 -11.11
N PHE B 105 -19.67 11.67 -10.28
CA PHE B 105 -18.45 10.98 -10.73
C PHE B 105 -18.78 9.85 -11.70
N LEU B 106 -19.74 9.01 -11.31
CA LEU B 106 -20.12 7.82 -12.10
C LEU B 106 -20.75 8.17 -13.44
N ARG B 107 -21.64 9.17 -13.44
CA ARG B 107 -22.27 9.64 -14.68
C ARG B 107 -21.28 10.34 -15.62
N GLN B 108 -20.32 11.07 -15.05
CA GLN B 108 -19.31 11.81 -15.82
C GLN B 108 -18.36 10.90 -16.58
N TYR B 109 -17.91 9.83 -15.91
CA TYR B 109 -16.94 8.90 -16.50
C TYR B 109 -17.60 7.64 -17.06
N GLU B 110 -18.92 7.58 -16.94
CA GLU B 110 -19.76 6.55 -17.57
C GLU B 110 -19.67 5.16 -16.92
N PHE B 111 -19.66 5.13 -15.59
CA PHE B 111 -19.79 3.87 -14.85
C PHE B 111 -21.26 3.62 -14.58
N ASP B 112 -21.64 2.34 -14.50
CA ASP B 112 -23.02 1.94 -14.24
C ASP B 112 -23.31 1.72 -12.76
N GLY B 113 -22.32 1.95 -11.90
CA GLY B 113 -22.52 1.78 -10.46
C GLY B 113 -21.27 1.82 -9.62
N LEU B 114 -21.46 1.67 -8.31
CA LEU B 114 -20.36 1.70 -7.36
C LEU B 114 -20.25 0.39 -6.59
N ASP B 115 -19.02 -0.10 -6.46
CA ASP B 115 -18.73 -1.26 -5.64
C ASP B 115 -17.98 -0.81 -4.38
N PHE B 116 -18.57 -1.05 -3.22
CA PHE B 116 -17.91 -0.75 -1.94
C PHE B 116 -16.92 -1.86 -1.56
N ASP B 117 -15.66 -1.50 -1.41
N ASP B 117 -15.66 -1.49 -1.36
CA ASP B 117 -14.67 -2.44 -0.88
CA ASP B 117 -14.63 -2.43 -0.91
C ASP B 117 -14.06 -1.89 0.41
C ASP B 117 -14.04 -1.99 0.44
N TRP B 118 -14.92 -1.75 1.41
CA TRP B 118 -14.52 -1.32 2.75
C TRP B 118 -14.07 -2.56 3.52
N GLU B 119 -12.80 -2.58 3.93
CA GLU B 119 -12.25 -3.75 4.63
C GLU B 119 -11.70 -3.42 6.02
N TYR B 120 -12.52 -3.49 7.07
CA TYR B 120 -13.95 -3.82 7.00
C TYR B 120 -14.70 -2.90 7.99
N PRO B 121 -16.03 -2.77 7.84
CA PRO B 121 -16.77 -2.09 8.90
C PRO B 121 -16.67 -2.90 10.20
N GLY B 122 -16.34 -2.25 11.31
CA GLY B 122 -16.29 -2.92 12.61
C GLY B 122 -14.99 -3.62 12.97
N SER B 123 -14.06 -3.70 12.02
CA SER B 123 -12.71 -4.21 12.30
C SER B 123 -11.62 -3.41 11.57
N ARG B 124 -10.36 -3.79 11.79
CA ARG B 124 -9.21 -3.08 11.25
C ARG B 124 -9.21 -1.58 11.57
N GLY B 125 -9.51 -1.24 12.83
CA GLY B 125 -9.53 0.15 13.28
C GLY B 125 -10.90 0.80 13.31
N SER B 126 -11.80 0.27 12.49
CA SER B 126 -13.19 0.76 12.41
C SER B 126 -13.99 0.35 13.64
N PRO B 127 -14.65 1.32 14.31
CA PRO B 127 -15.41 1.07 15.54
C PRO B 127 -16.75 0.36 15.32
N PRO B 128 -17.30 -0.28 16.39
CA PRO B 128 -18.55 -1.07 16.36
C PRO B 128 -19.75 -0.44 15.65
N GLN B 129 -19.91 0.89 15.75
CA GLN B 129 -21.06 1.57 15.13
C GLN B 129 -21.06 1.55 13.60
N ASP B 130 -19.90 1.27 13.00
CA ASP B 130 -19.76 1.22 11.53
C ASP B 130 -20.51 0.09 10.86
N LYS B 131 -20.85 -0.95 11.63
CA LYS B 131 -21.66 -2.06 11.14
C LYS B 131 -23.03 -1.55 10.69
N HIS B 132 -23.69 -0.78 11.56
CA HIS B 132 -24.96 -0.15 11.24
C HIS B 132 -24.83 1.03 10.28
N LEU B 133 -23.82 1.86 10.51
CA LEU B 133 -23.60 3.04 9.68
C LEU B 133 -23.32 2.70 8.22
N PHE B 134 -22.75 1.52 7.99
CA PHE B 134 -22.55 1.00 6.63
C PHE B 134 -23.90 0.72 5.95
N THR B 135 -24.82 0.13 6.70
CA THR B 135 -26.19 -0.10 6.24
C THR B 135 -26.89 1.21 5.90
N VAL B 136 -26.72 2.21 6.76
CA VAL B 136 -27.32 3.53 6.58
C VAL B 136 -26.77 4.19 5.32
N LEU B 137 -25.46 4.09 5.13
CA LEU B 137 -24.78 4.59 3.93
C LEU B 137 -25.32 3.94 2.66
N VAL B 138 -25.39 2.60 2.65
CA VAL B 138 -25.85 1.87 1.48
C VAL B 138 -27.34 2.14 1.19
N GLN B 139 -28.16 2.19 2.24
CA GLN B 139 -29.57 2.57 2.13
C GLN B 139 -29.73 3.96 1.50
N GLU B 140 -29.03 4.95 2.05
CA GLU B 140 -29.10 6.32 1.55
C GLU B 140 -28.59 6.48 0.12
N MET B 141 -27.54 5.72 -0.23
CA MET B 141 -27.00 5.72 -1.59
CA MET B 141 -27.00 5.71 -1.59
C MET B 141 -27.98 5.10 -2.58
N ARG B 142 -28.53 3.94 -2.22
CA ARG B 142 -29.54 3.25 -3.03
C ARG B 142 -30.75 4.15 -3.27
N GLU B 143 -31.22 4.80 -2.21
CA GLU B 143 -32.35 5.73 -2.28
C GLU B 143 -32.04 6.97 -3.13
N ALA B 144 -30.81 7.47 -3.04
CA ALA B 144 -30.37 8.60 -3.87
C ALA B 144 -30.21 8.19 -5.33
N PHE B 145 -29.76 6.96 -5.57
CA PHE B 145 -29.67 6.41 -6.93
C PHE B 145 -31.05 6.26 -7.56
N GLU B 146 -32.03 5.88 -6.75
CA GLU B 146 -33.42 5.73 -7.21
C GLU B 146 -34.06 7.05 -7.58
N GLN B 147 -33.76 8.10 -6.82
CA GLN B 147 -34.31 9.44 -7.08
C GLN B 147 -33.65 10.10 -8.28
N GLU B 148 -32.35 9.86 -8.47
CA GLU B 148 -31.61 10.34 -9.63
C GLU B 148 -32.17 9.74 -10.93
N ALA B 149 -32.48 8.43 -10.88
CA ALA B 149 -33.08 7.73 -12.01
C ALA B 149 -34.42 8.33 -12.42
N LYS B 150 -35.17 8.82 -11.45
CA LYS B 150 -36.47 9.45 -11.69
C LYS B 150 -36.31 10.86 -12.28
N GLN B 151 -35.25 11.54 -11.89
CA GLN B 151 -34.98 12.91 -12.32
C GLN B 151 -34.54 13.02 -13.78
N ILE B 152 -33.78 12.02 -14.24
CA ILE B 152 -33.19 12.06 -15.59
C ILE B 152 -33.79 11.03 -16.56
N ASN B 153 -34.70 10.20 -16.06
CA ASN B 153 -35.37 9.16 -16.87
C ASN B 153 -34.40 8.17 -17.52
N LYS B 154 -33.49 7.66 -16.70
CA LYS B 154 -32.51 6.65 -17.10
C LYS B 154 -32.52 5.54 -16.06
N PRO B 155 -32.19 4.29 -16.46
CA PRO B 155 -32.02 3.23 -15.45
C PRO B 155 -31.04 3.67 -14.36
N ARG B 156 -31.35 3.33 -13.11
CA ARG B 156 -30.55 3.79 -11.97
C ARG B 156 -29.16 3.16 -11.91
N LEU B 157 -28.24 3.88 -11.27
CA LEU B 157 -26.92 3.36 -10.98
C LEU B 157 -27.01 2.19 -10.00
N MET B 158 -26.09 1.24 -10.13
CA MET B 158 -26.03 0.06 -9.27
C MET B 158 -25.19 0.33 -8.02
N VAL B 159 -25.53 -0.36 -6.94
CA VAL B 159 -24.73 -0.33 -5.73
C VAL B 159 -24.45 -1.76 -5.25
N THR B 160 -23.17 -2.12 -5.23
CA THR B 160 -22.74 -3.46 -4.82
C THR B 160 -21.68 -3.36 -3.72
N ALA B 161 -21.28 -4.49 -3.16
CA ALA B 161 -20.21 -4.52 -2.18
C ALA B 161 -19.42 -5.83 -2.20
N ALA B 162 -18.10 -5.70 -2.07
CA ALA B 162 -17.21 -6.83 -1.79
C ALA B 162 -17.17 -7.00 -0.28
N VAL B 163 -17.43 -8.23 0.20
CA VAL B 163 -17.62 -8.46 1.63
C VAL B 163 -16.72 -9.57 2.16
N ALA B 164 -16.50 -9.55 3.48
CA ALA B 164 -15.64 -10.52 4.17
C ALA B 164 -16.14 -11.95 4.03
N ALA B 165 -15.18 -12.87 4.13
CA ALA B 165 -15.46 -14.30 4.18
C ALA B 165 -15.22 -14.84 5.60
N GLY B 166 -14.42 -14.12 6.37
CA GLY B 166 -14.15 -14.49 7.77
C GLY B 166 -15.37 -14.23 8.63
N ILE B 167 -15.76 -15.24 9.41
CA ILE B 167 -16.99 -15.20 10.20
C ILE B 167 -16.95 -14.11 11.27
N SER B 168 -15.78 -13.96 11.92
CA SER B 168 -15.58 -12.92 12.92
C SER B 168 -15.78 -11.54 12.30
N ASN B 169 -15.18 -11.33 11.13
CA ASN B 169 -15.33 -10.08 10.37
C ASN B 169 -16.75 -9.84 9.85
N ILE B 170 -17.46 -10.93 9.50
CA ILE B 170 -18.85 -10.85 9.05
C ILE B 170 -19.76 -10.40 10.20
N GLN B 171 -19.66 -11.10 11.33
CA GLN B 171 -20.45 -10.81 12.53
C GLN B 171 -20.29 -9.38 13.05
N SER B 172 -19.07 -8.86 12.97
CA SER B 172 -18.79 -7.51 13.49
C SER B 172 -18.97 -6.41 12.45
N GLY B 173 -19.17 -6.81 11.19
CA GLY B 173 -19.23 -5.88 10.07
C GLY B 173 -20.56 -5.62 9.40
N TYR B 174 -21.42 -6.64 9.33
CA TYR B 174 -22.61 -6.56 8.47
C TYR B 174 -23.93 -6.94 9.15
N GLU B 175 -24.93 -6.07 8.99
CA GLU B 175 -26.31 -6.39 9.29
C GLU B 175 -26.87 -6.99 8.01
N ILE B 176 -26.69 -8.30 7.85
CA ILE B 176 -26.91 -8.97 6.56
C ILE B 176 -28.30 -8.77 5.93
N PRO B 177 -29.40 -9.03 6.68
CA PRO B 177 -30.73 -8.87 6.07
C PRO B 177 -31.03 -7.45 5.60
N GLN B 178 -30.68 -6.46 6.43
CA GLN B 178 -30.95 -5.05 6.13
C GLN B 178 -30.10 -4.54 4.98
N LEU B 179 -28.80 -4.85 5.02
CA LEU B 179 -27.86 -4.45 3.97
C LEU B 179 -28.21 -5.08 2.60
N SER B 180 -28.60 -6.36 2.63
CA SER B 180 -28.96 -7.11 1.42
C SER B 180 -30.16 -6.53 0.66
N GLN B 181 -31.08 -5.90 1.38
CA GLN B 181 -32.23 -5.25 0.75
C GLN B 181 -31.82 -4.17 -0.24
N TYR B 182 -30.76 -3.44 0.09
CA TYR B 182 -30.36 -2.26 -0.66
C TYR B 182 -29.25 -2.50 -1.68
N LEU B 183 -28.42 -3.52 -1.44
CA LEU B 183 -27.36 -3.89 -2.38
C LEU B 183 -27.93 -4.67 -3.54
N ASP B 184 -27.42 -4.39 -4.74
CA ASP B 184 -27.82 -5.12 -5.94
C ASP B 184 -27.12 -6.47 -6.02
N TYR B 185 -25.83 -6.49 -5.65
CA TYR B 185 -25.05 -7.74 -5.60
C TYR B 185 -24.08 -7.71 -4.43
N ILE B 186 -23.86 -8.89 -3.86
CA ILE B 186 -22.93 -9.08 -2.76
C ILE B 186 -21.77 -9.92 -3.26
N HIS B 187 -20.60 -9.30 -3.37
CA HIS B 187 -19.40 -9.97 -3.87
C HIS B 187 -18.58 -10.54 -2.71
N VAL B 188 -18.84 -11.80 -2.39
CA VAL B 188 -18.19 -12.46 -1.27
C VAL B 188 -16.75 -12.87 -1.63
N MET B 189 -15.80 -12.35 -0.87
CA MET B 189 -14.38 -12.58 -1.13
C MET B 189 -13.94 -13.94 -0.54
N THR B 190 -14.45 -15.02 -1.14
CA THR B 190 -14.13 -16.38 -0.73
C THR B 190 -12.73 -16.82 -1.21
N TYR B 191 -11.73 -16.05 -0.80
CA TYR B 191 -10.31 -16.36 -1.02
C TYR B 191 -9.47 -15.76 0.12
N ASP B 192 -8.15 -16.01 0.08
CA ASP B 192 -7.24 -15.71 1.20
C ASP B 192 -7.71 -16.43 2.47
N LEU B 193 -8.37 -17.56 2.28
CA LEU B 193 -8.93 -18.35 3.39
C LEU B 193 -7.84 -19.02 4.19
N HIS B 194 -6.73 -19.34 3.52
CA HIS B 194 -5.50 -19.79 4.17
C HIS B 194 -4.33 -19.02 3.57
N GLY B 195 -3.24 -18.93 4.33
CA GLY B 195 -2.04 -18.23 3.90
C GLY B 195 -0.92 -18.42 4.91
N SER B 196 0.25 -17.89 4.60
CA SER B 196 1.47 -18.10 5.40
C SER B 196 1.37 -17.57 6.82
N TRP B 197 0.43 -16.65 7.06
CA TRP B 197 0.20 -16.08 8.39
C TRP B 197 -0.18 -17.14 9.43
N GLU B 198 -0.63 -18.29 8.96
CA GLU B 198 -1.05 -19.40 9.82
C GLU B 198 0.11 -20.30 10.24
N GLY B 199 1.21 -20.26 9.48
CA GLY B 199 2.38 -21.06 9.78
C GLY B 199 2.29 -22.50 9.30
N TYR B 200 1.25 -22.79 8.52
CA TYR B 200 1.06 -24.10 7.91
C TYR B 200 0.54 -23.94 6.49
N THR B 201 0.80 -24.93 5.63
CA THR B 201 0.27 -24.92 4.26
C THR B 201 -1.25 -25.07 4.28
N GLY B 202 -1.91 -24.39 3.35
CA GLY B 202 -3.35 -24.45 3.23
C GLY B 202 -3.82 -23.86 1.92
N GLU B 203 -5.05 -24.17 1.53
CA GLU B 203 -5.59 -23.72 0.26
C GLU B 203 -6.16 -22.31 0.31
N ASN B 204 -5.97 -21.59 -0.79
CA ASN B 204 -6.39 -20.19 -0.91
C ASN B 204 -7.91 -20.07 -0.93
N SER B 205 -8.55 -20.90 -1.74
CA SER B 205 -9.99 -20.90 -1.89
C SER B 205 -10.51 -22.33 -2.01
N PRO B 206 -10.45 -23.10 -0.91
CA PRO B 206 -10.96 -24.46 -0.95
C PRO B 206 -12.49 -24.48 -0.99
N LEU B 207 -13.05 -25.41 -1.76
CA LEU B 207 -14.50 -25.51 -1.88
C LEU B 207 -15.14 -26.08 -0.60
N TYR B 208 -14.54 -27.13 -0.07
CA TYR B 208 -15.02 -27.76 1.15
C TYR B 208 -13.93 -27.77 2.21
N LYS B 209 -14.27 -28.22 3.42
CA LYS B 209 -13.29 -28.34 4.50
C LYS B 209 -12.36 -29.54 4.31
N TYR B 210 -11.14 -29.40 4.81
CA TYR B 210 -10.21 -30.52 4.88
C TYR B 210 -10.61 -31.39 6.07
N PRO B 211 -10.45 -32.73 5.96
CA PRO B 211 -10.87 -33.62 7.06
C PRO B 211 -10.35 -33.21 8.44
N THR B 212 -9.15 -32.60 8.48
CA THR B 212 -8.54 -32.20 9.75
C THR B 212 -9.04 -30.85 10.26
N ASP B 213 -9.84 -30.14 9.47
CA ASP B 213 -10.42 -28.86 9.89
C ASP B 213 -11.47 -29.09 10.96
N THR B 214 -11.12 -28.73 12.20
CA THR B 214 -12.07 -28.77 13.30
C THR B 214 -12.23 -27.36 13.89
N GLY B 215 -13.26 -27.18 14.72
CA GLY B 215 -13.54 -25.88 15.33
C GLY B 215 -13.74 -24.79 14.29
N SER B 216 -13.14 -23.63 14.53
CA SER B 216 -13.27 -22.47 13.64
C SER B 216 -12.61 -22.65 12.27
N ASN B 217 -11.69 -23.62 12.17
CA ASN B 217 -11.06 -23.96 10.90
C ASN B 217 -12.04 -24.60 9.91
N ALA B 218 -13.11 -25.19 10.45
CA ALA B 218 -14.19 -25.75 9.64
C ALA B 218 -14.96 -24.71 8.83
N TYR B 219 -14.78 -23.43 9.17
CA TYR B 219 -15.50 -22.34 8.51
C TYR B 219 -14.74 -21.80 7.29
N LEU B 220 -13.45 -22.14 7.20
CA LEU B 220 -12.57 -21.60 6.17
C LEU B 220 -12.65 -22.36 4.84
N ASN B 221 -13.84 -22.30 4.22
CA ASN B 221 -14.07 -22.91 2.91
C ASN B 221 -15.24 -22.23 2.20
N VAL B 222 -15.25 -22.32 0.87
CA VAL B 222 -16.24 -21.64 0.03
C VAL B 222 -17.69 -21.99 0.43
N ASP B 223 -17.98 -23.29 0.52
CA ASP B 223 -19.31 -23.79 0.83
C ASP B 223 -19.89 -23.22 2.12
N TYR B 224 -19.09 -23.22 3.17
CA TYR B 224 -19.56 -22.72 4.46
C TYR B 224 -19.86 -21.22 4.42
N VAL B 225 -18.93 -20.44 3.88
CA VAL B 225 -19.05 -18.98 3.81
C VAL B 225 -20.30 -18.54 3.04
N MET B 226 -20.50 -19.12 1.87
CA MET B 226 -21.63 -18.77 1.01
C MET B 226 -22.96 -19.13 1.65
N ASN B 227 -23.00 -20.28 2.32
CA ASN B 227 -24.19 -20.69 3.04
C ASN B 227 -24.40 -19.91 4.33
N TYR B 228 -23.33 -19.42 4.92
CA TYR B 228 -23.44 -18.55 6.09
C TYR B 228 -24.09 -17.23 5.70
N TRP B 229 -23.66 -16.67 4.57
CA TRP B 229 -24.21 -15.44 4.03
C TRP B 229 -25.69 -15.60 3.67
N LYS B 230 -26.01 -16.72 3.01
CA LYS B 230 -27.38 -17.03 2.61
C LYS B 230 -28.31 -17.23 3.81
N ASP B 231 -27.89 -18.09 4.75
CA ASP B 231 -28.69 -18.41 5.94
C ASP B 231 -28.96 -17.20 6.82
N ASN B 232 -28.08 -16.20 6.76
CA ASN B 232 -28.18 -15.03 7.62
C ASN B 232 -28.79 -13.79 6.96
N GLY B 233 -29.34 -13.96 5.76
CA GLY B 233 -30.20 -12.92 5.19
C GLY B 233 -29.99 -12.51 3.74
N ALA B 234 -28.89 -12.95 3.14
CA ALA B 234 -28.56 -12.55 1.77
C ALA B 234 -29.22 -13.47 0.74
N PRO B 235 -30.05 -12.91 -0.16
CA PRO B 235 -30.71 -13.72 -1.18
C PRO B 235 -29.70 -14.42 -2.09
N ALA B 236 -29.89 -15.72 -2.30
CA ALA B 236 -29.02 -16.52 -3.18
C ALA B 236 -28.75 -15.84 -4.52
N GLU B 237 -29.78 -15.22 -5.09
CA GLU B 237 -29.68 -14.53 -6.37
C GLU B 237 -28.78 -13.30 -6.34
N LYS B 238 -28.59 -12.72 -5.15
CA LYS B 238 -27.73 -11.55 -4.97
C LYS B 238 -26.31 -11.93 -4.62
N LEU B 239 -26.12 -13.19 -4.21
CA LEU B 239 -24.82 -13.68 -3.77
C LEU B 239 -23.94 -14.07 -4.93
N ILE B 240 -22.75 -13.47 -4.97
CA ILE B 240 -21.78 -13.72 -6.02
C ILE B 240 -20.52 -14.34 -5.41
N VAL B 241 -20.17 -15.53 -5.90
CA VAL B 241 -19.07 -16.33 -5.34
C VAL B 241 -17.71 -15.80 -5.82
N GLY B 242 -16.77 -15.63 -4.89
CA GLY B 242 -15.42 -15.15 -5.22
C GLY B 242 -14.51 -16.25 -5.76
N PHE B 243 -13.90 -15.98 -6.91
CA PHE B 243 -12.96 -16.88 -7.57
C PHE B 243 -11.62 -16.19 -7.75
N PRO B 244 -10.54 -16.73 -7.14
CA PRO B 244 -9.20 -16.15 -7.31
C PRO B 244 -8.41 -16.72 -8.49
N THR B 245 -7.88 -15.84 -9.34
CA THR B 245 -6.98 -16.26 -10.42
C THR B 245 -5.52 -16.10 -9.97
N TYR B 246 -5.29 -16.39 -8.69
CA TYR B 246 -3.96 -16.37 -8.10
C TYR B 246 -3.94 -17.41 -6.99
N GLY B 247 -2.75 -17.70 -6.47
CA GLY B 247 -2.60 -18.62 -5.35
C GLY B 247 -1.69 -18.05 -4.28
N HIS B 248 -1.67 -18.69 -3.11
CA HIS B 248 -0.74 -18.32 -2.05
C HIS B 248 0.39 -19.31 -1.97
N ASN B 249 1.62 -18.80 -1.83
CA ASN B 249 2.78 -19.66 -1.67
C ASN B 249 3.40 -19.55 -0.29
N PHE B 250 4.22 -20.55 0.05
CA PHE B 250 4.77 -20.72 1.39
C PHE B 250 6.23 -21.16 1.26
N ILE B 251 7.03 -20.85 2.27
CA ILE B 251 8.32 -21.52 2.44
C ILE B 251 8.14 -22.69 3.39
N LEU B 252 8.39 -23.90 2.91
CA LEU B 252 8.24 -25.13 3.71
C LEU B 252 9.36 -25.26 4.74
N SER B 253 8.97 -25.54 5.99
CA SER B 253 9.94 -25.79 7.06
C SER B 253 10.71 -27.07 6.78
N ASN B 254 10.02 -28.04 6.19
CA ASN B 254 10.62 -29.29 5.74
C ASN B 254 10.12 -29.62 4.32
N PRO B 255 10.99 -29.48 3.31
CA PRO B 255 10.69 -29.84 1.92
C PRO B 255 10.33 -31.32 1.69
N SER B 256 10.43 -32.15 2.72
CA SER B 256 9.98 -33.55 2.65
C SER B 256 8.53 -33.67 3.13
N ASN B 257 8.06 -32.63 3.82
CA ASN B 257 6.67 -32.55 4.27
C ASN B 257 5.92 -31.54 3.40
N THR B 258 5.09 -32.05 2.49
CA THR B 258 4.52 -31.25 1.40
C THR B 258 3.00 -31.39 1.25
N GLY B 259 2.34 -31.93 2.27
CA GLY B 259 0.89 -32.06 2.23
C GLY B 259 0.19 -30.85 2.79
N ILE B 260 -1.14 -30.95 2.91
CA ILE B 260 -1.95 -29.90 3.54
C ILE B 260 -1.67 -29.88 5.05
N GLY B 261 -1.43 -28.70 5.59
CA GLY B 261 -1.13 -28.54 7.01
C GLY B 261 0.32 -28.78 7.38
N ALA B 262 1.19 -28.75 6.37
CA ALA B 262 2.64 -28.87 6.58
C ALA B 262 3.19 -27.56 7.15
N PRO B 263 4.13 -27.65 8.13
CA PRO B 263 4.72 -26.48 8.77
C PRO B 263 5.43 -25.55 7.77
N THR B 264 5.20 -24.25 7.90
CA THR B 264 5.85 -23.25 7.04
C THR B 264 6.59 -22.19 7.87
N SER B 265 7.54 -21.50 7.23
CA SER B 265 8.38 -20.52 7.94
C SER B 265 8.13 -19.08 7.52
N GLY B 266 7.25 -18.88 6.53
CA GLY B 266 6.90 -17.56 6.06
C GLY B 266 6.27 -17.59 4.69
N ALA B 267 6.06 -16.41 4.12
CA ALA B 267 5.50 -16.26 2.78
C ALA B 267 6.47 -16.78 1.72
N GLY B 268 5.94 -17.35 0.65
CA GLY B 268 6.76 -17.84 -0.46
C GLY B 268 7.21 -16.69 -1.34
N PRO B 269 8.11 -16.97 -2.30
CA PRO B 269 8.74 -15.91 -3.09
C PRO B 269 7.73 -15.05 -3.86
N ALA B 270 8.01 -13.75 -3.94
CA ALA B 270 7.28 -12.85 -4.83
C ALA B 270 7.52 -13.26 -6.29
N GLY B 271 6.46 -13.16 -7.10
CA GLY B 271 6.54 -13.51 -8.52
C GLY B 271 7.32 -12.49 -9.32
N PRO B 272 7.85 -12.90 -10.49
CA PRO B 272 8.66 -12.00 -11.32
C PRO B 272 7.86 -10.93 -12.08
N TYR B 273 6.53 -11.04 -12.08
CA TYR B 273 5.68 -10.06 -12.77
C TYR B 273 4.82 -9.23 -11.81
N ALA B 274 4.08 -9.90 -10.93
CA ALA B 274 3.20 -9.22 -9.97
C ALA B 274 3.96 -8.66 -8.76
N LYS B 275 5.11 -9.25 -8.45
CA LYS B 275 6.03 -8.77 -7.41
C LYS B 275 5.41 -8.80 -5.99
N GLU B 276 4.57 -9.80 -5.73
CA GLU B 276 3.83 -9.90 -4.46
C GLU B 276 4.30 -11.05 -3.58
N SER B 277 4.74 -10.71 -2.36
CA SER B 277 5.12 -11.72 -1.37
C SER B 277 3.93 -12.60 -1.03
N GLY B 278 4.14 -13.92 -1.06
CA GLY B 278 3.12 -14.88 -0.68
C GLY B 278 2.06 -15.13 -1.74
N ILE B 279 2.24 -14.54 -2.92
CA ILE B 279 1.23 -14.56 -3.96
C ILE B 279 1.86 -14.83 -5.32
N TRP B 280 1.30 -15.78 -6.06
CA TRP B 280 1.62 -15.96 -7.47
C TRP B 280 0.34 -15.85 -8.31
N ALA B 281 0.38 -15.00 -9.33
CA ALA B 281 -0.68 -14.94 -10.34
C ALA B 281 -0.75 -16.30 -11.03
N TYR B 282 -1.93 -16.67 -11.53
CA TYR B 282 -2.10 -17.97 -12.18
C TYR B 282 -1.07 -18.22 -13.28
N TYR B 283 -0.80 -17.21 -14.11
CA TYR B 283 0.22 -17.34 -15.14
C TYR B 283 1.64 -17.51 -14.58
N GLU B 284 1.90 -16.92 -13.41
CA GLU B 284 3.17 -17.13 -12.70
C GLU B 284 3.28 -18.56 -12.20
N ILE B 285 2.17 -19.12 -11.72
CA ILE B 285 2.13 -20.52 -11.30
C ILE B 285 2.39 -21.45 -12.48
N CYS B 286 1.89 -21.08 -13.66
CA CYS B 286 2.10 -21.90 -14.86
C CYS B 286 3.57 -22.04 -15.24
N THR B 287 4.36 -20.99 -15.02
CA THR B 287 5.82 -21.06 -15.16
C THR B 287 6.38 -22.11 -14.22
N PHE B 288 5.93 -22.06 -12.96
CA PHE B 288 6.30 -23.02 -11.91
C PHE B 288 6.04 -24.47 -12.33
N LEU B 289 4.86 -24.72 -12.91
CA LEU B 289 4.47 -26.06 -13.33
C LEU B 289 5.22 -26.54 -14.58
N LYS B 290 5.41 -25.63 -15.54
CA LYS B 290 6.14 -25.92 -16.78
C LYS B 290 7.56 -26.37 -16.53
N ASN B 291 8.16 -25.83 -15.48
CA ASN B 291 9.56 -26.09 -15.18
C ASN B 291 9.76 -27.19 -14.13
N GLY B 292 8.70 -27.97 -13.90
CA GLY B 292 8.84 -29.26 -13.21
C GLY B 292 8.37 -29.38 -11.77
N ALA B 293 7.56 -28.43 -11.31
CA ALA B 293 6.99 -28.51 -9.97
C ALA B 293 6.07 -29.72 -9.84
N THR B 294 6.12 -30.38 -8.69
CA THR B 294 5.29 -31.56 -8.45
C THR B 294 3.84 -31.13 -8.21
N GLN B 295 2.92 -31.74 -8.96
CA GLN B 295 1.51 -31.37 -8.91
C GLN B 295 0.73 -32.28 -7.96
N GLY B 296 0.07 -31.65 -6.98
CA GLY B 296 -0.82 -32.37 -6.09
C GLY B 296 -2.26 -32.01 -6.35
N TRP B 297 -3.17 -32.84 -5.85
CA TRP B 297 -4.58 -32.52 -5.85
C TRP B 297 -5.16 -32.73 -4.46
N ASP B 298 -5.70 -31.66 -3.90
CA ASP B 298 -6.40 -31.70 -2.62
C ASP B 298 -7.85 -32.11 -2.92
N ALA B 299 -8.09 -33.41 -2.91
CA ALA B 299 -9.40 -33.99 -3.27
C ALA B 299 -10.59 -33.57 -2.39
N PRO B 300 -10.43 -33.61 -1.05
CA PRO B 300 -11.50 -33.16 -0.15
C PRO B 300 -11.97 -31.73 -0.41
N GLN B 301 -11.06 -30.89 -0.88
CA GLN B 301 -11.31 -29.46 -1.04
C GLN B 301 -11.45 -29.05 -2.52
N GLU B 302 -11.22 -30.01 -3.43
CA GLU B 302 -11.38 -29.84 -4.88
C GLU B 302 -10.53 -28.71 -5.47
N VAL B 303 -9.29 -28.59 -4.99
CA VAL B 303 -8.34 -27.58 -5.47
C VAL B 303 -6.95 -28.19 -5.63
N PRO B 304 -6.12 -27.65 -6.53
CA PRO B 304 -4.77 -28.16 -6.69
C PRO B 304 -3.76 -27.48 -5.78
N TYR B 305 -2.58 -28.10 -5.65
CA TYR B 305 -1.43 -27.46 -5.06
C TYR B 305 -0.18 -27.99 -5.74
N ALA B 306 0.95 -27.28 -5.58
CA ALA B 306 2.20 -27.67 -6.20
C ALA B 306 3.39 -27.32 -5.32
N TYR B 307 4.48 -28.07 -5.48
CA TYR B 307 5.68 -27.87 -4.67
C TYR B 307 6.97 -28.20 -5.41
N GLN B 308 8.03 -27.48 -5.05
CA GLN B 308 9.36 -27.68 -5.59
C GLN B 308 10.38 -27.00 -4.67
N GLY B 309 11.36 -27.77 -4.20
CA GLY B 309 12.30 -27.28 -3.21
C GLY B 309 11.56 -26.97 -1.92
N ASN B 310 11.79 -25.78 -1.38
CA ASN B 310 11.08 -25.33 -0.18
C ASN B 310 9.88 -24.43 -0.49
N VAL B 311 9.38 -24.48 -1.71
CA VAL B 311 8.23 -23.66 -2.11
C VAL B 311 6.99 -24.52 -2.34
N TRP B 312 5.89 -24.12 -1.71
CA TRP B 312 4.60 -24.81 -1.81
C TRP B 312 3.57 -23.74 -2.16
N VAL B 313 2.68 -24.05 -3.10
CA VAL B 313 1.65 -23.12 -3.54
C VAL B 313 0.26 -23.77 -3.53
N GLY B 314 -0.71 -23.08 -2.92
CA GLY B 314 -2.10 -23.52 -2.96
C GLY B 314 -2.86 -22.59 -3.89
N TYR B 315 -3.50 -23.16 -4.91
CA TYR B 315 -4.09 -22.32 -5.96
C TYR B 315 -5.37 -22.91 -6.57
N ASP B 316 -5.76 -22.35 -7.71
CA ASP B 316 -6.93 -22.77 -8.48
C ASP B 316 -6.53 -22.90 -9.93
N ASN B 317 -7.02 -23.94 -10.60
CA ASN B 317 -6.78 -24.12 -12.02
C ASN B 317 -8.10 -24.25 -12.80
N VAL B 318 -8.01 -24.67 -14.06
CA VAL B 318 -9.20 -24.88 -14.90
C VAL B 318 -10.17 -25.88 -14.29
N LYS B 319 -9.61 -26.97 -13.73
CA LYS B 319 -10.41 -28.03 -13.11
C LYS B 319 -11.18 -27.54 -11.88
N SER B 320 -10.47 -26.86 -10.97
CA SER B 320 -11.10 -26.38 -9.74
C SER B 320 -12.15 -25.28 -10.00
N PHE B 321 -11.86 -24.41 -10.97
CA PHE B 321 -12.80 -23.38 -11.39
C PHE B 321 -14.08 -24.01 -11.94
N ASP B 322 -13.91 -25.03 -12.78
CA ASP B 322 -15.03 -25.79 -13.35
C ASP B 322 -15.85 -26.48 -12.26
N ILE B 323 -15.16 -27.10 -11.30
CA ILE B 323 -15.82 -27.79 -10.18
C ILE B 323 -16.66 -26.83 -9.34
N LYS B 324 -16.07 -25.70 -8.96
CA LYS B 324 -16.78 -24.68 -8.18
C LYS B 324 -17.95 -24.07 -8.93
N ALA B 325 -17.82 -23.96 -10.25
CA ALA B 325 -18.87 -23.42 -11.12
C ALA B 325 -20.09 -24.34 -11.17
N GLN B 326 -19.84 -25.65 -11.18
CA GLN B 326 -20.92 -26.65 -11.12
C GLN B 326 -21.61 -26.59 -9.77
N TRP B 327 -20.81 -26.50 -8.70
CA TRP B 327 -21.32 -26.33 -7.33
C TRP B 327 -22.21 -25.09 -7.23
N LEU B 328 -21.70 -23.97 -7.75
CA LEU B 328 -22.42 -22.70 -7.81
C LEU B 328 -23.82 -22.84 -8.41
N LYS B 329 -23.90 -23.54 -9.55
CA LYS B 329 -25.16 -23.77 -10.24
C LYS B 329 -26.12 -24.66 -9.45
N HIS B 330 -25.57 -25.67 -8.77
CA HIS B 330 -26.39 -26.59 -7.99
C HIS B 330 -27.01 -25.91 -6.78
N ASN B 331 -26.24 -25.01 -6.17
CA ASN B 331 -26.72 -24.21 -5.04
C ASN B 331 -27.48 -22.95 -5.49
N LYS B 332 -27.47 -22.70 -6.81
CA LYS B 332 -28.26 -21.63 -7.44
C LYS B 332 -27.95 -20.22 -6.94
N PHE B 333 -26.67 -19.91 -6.78
CA PHE B 333 -26.25 -18.55 -6.47
C PHE B 333 -26.35 -17.64 -7.70
N GLY B 334 -26.16 -16.34 -7.49
CA GLY B 334 -26.29 -15.34 -8.56
C GLY B 334 -25.23 -15.41 -9.65
N GLY B 335 -24.08 -15.96 -9.31
CA GLY B 335 -22.99 -16.11 -10.26
C GLY B 335 -21.62 -16.08 -9.60
N ALA B 336 -20.63 -15.66 -10.37
CA ALA B 336 -19.25 -15.68 -9.92
C ALA B 336 -18.57 -14.34 -10.14
N MET B 337 -17.71 -13.96 -9.19
CA MET B 337 -16.83 -12.81 -9.39
C MET B 337 -15.38 -13.28 -9.37
N VAL B 338 -14.51 -12.53 -10.05
CA VAL B 338 -13.14 -12.96 -10.28
C VAL B 338 -12.17 -11.88 -9.78
N TRP B 339 -11.30 -12.25 -8.84
CA TRP B 339 -10.14 -11.43 -8.52
C TRP B 339 -8.88 -12.17 -8.98
N ALA B 340 -8.22 -11.71 -10.05
CA ALA B 340 -8.60 -10.55 -10.83
C ALA B 340 -8.27 -10.85 -12.28
N ILE B 341 -8.91 -10.14 -13.21
CA ILE B 341 -8.75 -10.42 -14.64
C ILE B 341 -7.27 -10.35 -15.09
N ASP B 342 -6.51 -9.41 -14.53
CA ASP B 342 -5.11 -9.21 -14.89
C ASP B 342 -4.16 -10.29 -14.36
N LEU B 343 -4.70 -11.22 -13.56
CA LEU B 343 -3.92 -12.33 -13.00
C LEU B 343 -4.16 -13.65 -13.73
N ASP B 344 -5.24 -13.73 -14.50
CA ASP B 344 -5.48 -14.88 -15.38
C ASP B 344 -4.43 -14.85 -16.49
N ASP B 345 -4.25 -15.99 -17.18
CA ASP B 345 -3.32 -16.05 -18.31
C ASP B 345 -3.94 -15.34 -19.52
N PHE B 346 -3.95 -14.01 -19.47
CA PHE B 346 -4.60 -13.20 -20.49
C PHE B 346 -3.96 -13.29 -21.89
N THR B 347 -2.65 -13.48 -21.95
CA THR B 347 -1.96 -13.66 -23.24
C THR B 347 -2.10 -15.07 -23.79
N GLY B 348 -2.25 -16.04 -22.89
CA GLY B 348 -2.33 -17.45 -23.25
C GLY B 348 -0.96 -18.12 -23.39
N THR B 349 0.10 -17.35 -23.19
CA THR B 349 1.47 -17.81 -23.46
C THR B 349 2.12 -18.56 -22.29
N PHE B 350 1.53 -18.44 -21.10
CA PHE B 350 2.10 -19.04 -19.89
C PHE B 350 1.59 -20.45 -19.63
N CYS B 351 0.27 -20.62 -19.70
CA CYS B 351 -0.36 -21.90 -19.39
C CYS B 351 -0.72 -22.71 -20.64
N ASN B 352 -0.78 -22.03 -21.78
CA ASN B 352 -1.12 -22.66 -23.07
C ASN B 352 -2.51 -23.29 -23.12
N GLN B 353 -3.45 -22.72 -22.38
CA GLN B 353 -4.81 -23.22 -22.30
C GLN B 353 -5.81 -22.23 -22.93
N GLY B 354 -5.29 -21.40 -23.84
CA GLY B 354 -6.10 -20.34 -24.44
C GLY B 354 -6.01 -19.06 -23.64
N LYS B 355 -6.48 -17.96 -24.23
CA LYS B 355 -6.48 -16.67 -23.55
C LYS B 355 -7.58 -16.66 -22.48
N PHE B 356 -7.25 -16.11 -21.32
CA PHE B 356 -8.14 -16.09 -20.14
C PHE B 356 -8.70 -17.49 -19.79
N PRO B 357 -7.82 -18.49 -19.59
CA PRO B 357 -8.33 -19.85 -19.42
C PRO B 357 -9.23 -20.01 -18.20
N LEU B 358 -8.88 -19.37 -17.09
CA LEU B 358 -9.68 -19.46 -15.87
C LEU B 358 -11.05 -18.81 -16.02
N ILE B 359 -11.09 -17.57 -16.51
CA ILE B 359 -12.36 -16.88 -16.71
C ILE B 359 -13.19 -17.50 -17.84
N SER B 360 -12.52 -17.99 -18.89
CA SER B 360 -13.22 -18.68 -19.99
C SER B 360 -13.92 -19.95 -19.49
N THR B 361 -13.27 -20.64 -18.55
CA THR B 361 -13.85 -21.83 -17.90
C THR B 361 -15.16 -21.52 -17.19
N LEU B 362 -15.25 -20.33 -16.57
CA LEU B 362 -16.47 -19.89 -15.89
C LEU B 362 -17.55 -19.44 -16.88
N LYS B 363 -17.15 -18.70 -17.90
CA LYS B 363 -18.04 -18.31 -18.98
C LYS B 363 -18.75 -19.52 -19.59
N LYS B 364 -17.99 -20.57 -19.90
CA LYS B 364 -18.53 -21.82 -20.44
C LYS B 364 -19.43 -22.53 -19.43
N ALA B 365 -18.90 -22.78 -18.24
CA ALA B 365 -19.58 -23.53 -17.19
C ALA B 365 -20.87 -22.88 -16.70
N LEU B 366 -20.94 -21.55 -16.76
CA LEU B 366 -22.15 -20.81 -16.35
C LEU B 366 -23.10 -20.54 -17.52
N GLY B 367 -22.80 -21.14 -18.67
CA GLY B 367 -23.65 -21.05 -19.87
C GLY B 367 -23.78 -19.66 -20.45
N LEU B 368 -22.70 -18.89 -20.37
CA LEU B 368 -22.69 -17.51 -20.88
C LEU B 368 -21.98 -17.40 -22.23
N GLN B 369 -21.54 -18.53 -22.77
CA GLN B 369 -20.80 -18.58 -24.04
C GLN B 369 -21.59 -18.01 -25.24
N SER B 370 -22.91 -18.20 -25.21
CA SER B 370 -23.78 -17.76 -26.31
C SER B 370 -24.25 -16.30 -26.20
N ALA B 371 -23.68 -15.55 -25.26
CA ALA B 371 -24.10 -14.17 -25.00
C ALA B 371 -23.82 -13.21 -26.18
N SER B 372 -24.60 -12.13 -26.25
CA SER B 372 -24.52 -11.18 -27.35
C SER B 372 -23.40 -10.15 -27.16
N CYS B 373 -22.90 -9.64 -28.28
CA CYS B 373 -21.91 -8.55 -28.27
C CYS B 373 -22.20 -7.53 -29.37
C1 613 C . 6.81 6.94 -1.99
N1 613 C . 6.72 8.66 -0.23
CL1 613 C . 9.27 6.28 -5.07
C2 613 C . 7.40 6.36 -3.12
N2 613 C . 5.58 9.59 2.23
C3 613 C . 8.53 6.96 -3.67
N3 613 C . 3.96 9.77 4.08
C4 613 C . 9.06 8.11 -3.10
N4 613 C . 6.13 8.95 4.55
C5 613 C . 8.47 8.67 -1.97
C6 613 C . 7.32 8.12 -1.36
C7 613 C . 7.60 8.99 0.91
C8 613 C . 6.96 10.00 1.86
C9 613 C . 4.68 9.22 1.09
C10 613 C . 5.37 8.21 0.16
C11 613 C . 5.20 9.36 3.59
C1 613 D . -3.11 -8.67 -4.05
N1 613 D . -5.06 -9.58 -2.84
CL1 613 D . -1.12 -9.87 -7.33
C2 613 D . -2.17 -8.74 -5.10
N2 613 D . -7.13 -9.01 -0.97
C3 613 D . -2.24 -9.78 -6.03
N3 613 D . -7.75 -7.54 0.89
C4 613 D . -3.23 -10.75 -5.91
N4 613 D . -8.94 -7.35 -1.16
C5 613 D . -4.15 -10.67 -4.85
C6 613 D . -4.13 -9.65 -3.88
C7 613 D . -4.69 -9.00 -1.53
C8 613 D . -5.75 -9.26 -0.45
C9 613 D . -7.48 -9.71 -2.25
C10 613 D . -6.26 -10.42 -2.87
C11 613 D . -7.99 -8.03 -0.39
#